data_3NAM
#
_entry.id   3NAM
#
_cell.length_a   71.545
_cell.length_b   71.545
_cell.length_c   591.227
_cell.angle_alpha   90.000
_cell.angle_beta   90.000
_cell.angle_gamma   90.000
#
_symmetry.space_group_name_H-M   'P 41 21 2'
#
loop_
_entity.id
_entity.type
_entity.pdbx_description
1 polymer SERCA1a
2 non-polymer 'SODIUM ION'
3 non-polymer 'MAGNESIUM ION'
4 non-polymer '(3S,3aR,4S,6S,6aS,8R,9R,9aR,9bS)-6-(acetyloxy)-4-(butanoyloxy)-3,3a-dihydroxy-3,6,9-trimethyl-2-oxododecahydroazuleno[4,5-b]furan-8-yl (2Z)-2-methylbut-2-enoate'
5 non-polymer PHOSPHATIDYLETHANOLAMINE
6 water water
#
_entity_poly.entity_id   1
_entity_poly.type   'polypeptide(L)'
_entity_poly.pdbx_seq_one_letter_code
;MEAAHSKSTEECLAYFGVSETTGLTPDQVKRHLEKYGHNELPAEEGKSLWELVIEQFEDLLVRILLLAACISFVLAWFEE
GEETITAFVEPFVILLILIANAIVGVWQERNAENAIEALKEYEPEMGKVYRADRKSVQRIKARDIVPGDIVEVAVGDKVP
ADIRILSIKSTTLRVDQSILTGESVSVIKHTEPVPDPRAVNQDKKNMLFSGTNIAAGKALGIVATTGVSTEIGKIRDQMA
ATEQDKTPLQQKLDEFGEQLSKVISLICVAVWLINIGHFNDPVHGGSWIRGAIYYFKIAVALAVAAIPEGLPAVITTCLA
LGTRRMAKKNAIVRSLPSVETLGCTSVICSDKTGTLTTNQMSVCKMFIIDKVDGDFCSLNEFSITGSTYAPEGEVLKNDK
PIRSGQFDGLVELATICALCNDSSLDFNETKGVYEKVGEATETALTTLVEKMNVFNTEVRNLSKVERANACNSVIRQLMK
KEFTLEFSRDRKSMSVYCSPAKSSRAAVGNKMFVKGAPEGVIDRCNYVRVGTTRVPMTGPVKEKILSVIKEWGTGRDTLR
CLALATRDTPPKREEMVLDDSSRFMEYETDLTFVGVVGMLDPPRKEVMGSIQLCRDAGIRVIMITGDNKGTAIAICRRIG
IFGENEEVADRAYTGREFDDLPLAEQREACRRACCFARVEPSHKSKIVEYLQSYDEITAMTGDGVNDAPALKKAEIGIAM
GSGTAVAKTASEMVLADDNFSTIVAAVEEGRAIYNNMKQFIRYLISSNVGEVVCIFLTAALGLPEALIPVQLLWVNLVTD
GLPATALGFNPPDLDIMDRPPRSPKEPLISGWLFFRYMAIGGYVGAATVGAAAWWFMYAEDGPGVTYHQLTHFMQCTEDH
PHFEGLDCEIFEAPEPMTMALSVLVTIEMCNALNSLSENQSLMRMPPWVNIWLLGSICLSMSLHFLILYVDPLPMIFKLK
ALDLTQWLMVLKISLPVIGLDEILKFIARNYLEG
;
_entity_poly.pdbx_strand_id   A
#
loop_
_chem_comp.id
_chem_comp.type
_chem_comp.name
_chem_comp.formula
MG non-polymer 'MAGNESIUM ION' 'Mg 2'
NA non-polymer 'SODIUM ION' 'Na 1'
OTK non-polymer '(3S,3aR,4S,6S,6aS,8R,9R,9aR,9bS)-6-(acetyloxy)-4-(butanoyloxy)-3,3a-dihydroxy-3,6,9-trimethyl-2-oxododecahydroazuleno[4,5-b]furan-8-yl (2Z)-2-methylbut-2-enoate' 'C26 H38 O10'
PTY non-polymer PHOSPHATIDYLETHANOLAMINE 'C40 H80 N O8 P'
#
# COMPACT_ATOMS: atom_id res chain seq x y z
N MET A 1 2.49 35.97 -4.92
CA MET A 1 1.78 34.90 -4.21
C MET A 1 1.94 35.28 -2.76
N GLU A 2 1.28 34.55 -1.86
CA GLU A 2 1.37 34.84 -0.45
C GLU A 2 0.24 34.21 0.34
N ALA A 3 0.47 34.09 1.67
CA ALA A 3 -0.47 33.56 2.67
C ALA A 3 -1.68 34.50 2.79
N ALA A 4 -2.44 34.62 1.70
CA ALA A 4 -3.63 35.49 1.59
C ALA A 4 -4.79 35.17 2.52
N HIS A 5 -4.78 33.97 3.09
CA HIS A 5 -5.89 33.54 3.96
C HIS A 5 -6.03 34.37 5.19
N SER A 6 -5.01 35.16 5.45
CA SER A 6 -5.03 35.94 6.67
C SER A 6 -5.07 37.48 6.56
N LYS A 7 -4.68 37.92 5.38
CA LYS A 7 -4.59 39.33 5.21
C LYS A 7 -5.93 39.89 5.16
N SER A 8 -6.49 40.03 3.97
CA SER A 8 -7.81 40.58 4.15
C SER A 8 -8.59 40.66 2.89
N THR A 9 -9.03 41.81 2.45
CA THR A 9 -9.80 41.71 1.23
C THR A 9 -9.11 42.72 0.39
N GLU A 10 -8.58 43.73 1.06
CA GLU A 10 -7.84 44.81 0.44
C GLU A 10 -6.33 44.64 0.56
N GLU A 11 -5.86 44.20 1.72
CA GLU A 11 -4.45 44.00 1.90
C GLU A 11 -3.95 43.10 0.79
N CYS A 12 -4.84 42.38 0.13
CA CYS A 12 -4.46 41.49 -0.97
C CYS A 12 -4.45 42.20 -2.31
N LEU A 13 -5.46 43.06 -2.51
CA LEU A 13 -5.58 43.81 -3.75
C LEU A 13 -4.45 44.82 -3.81
N ALA A 14 -4.07 45.34 -2.65
CA ALA A 14 -2.97 46.29 -2.53
C ALA A 14 -1.64 45.56 -2.73
N TYR A 15 -1.43 44.47 -2.01
CA TYR A 15 -0.17 43.70 -2.14
C TYR A 15 0.28 43.53 -3.57
N PHE A 16 -0.64 43.19 -4.45
CA PHE A 16 -0.32 42.98 -5.85
C PHE A 16 -0.55 44.24 -6.65
N GLY A 17 -1.27 45.20 -6.06
CA GLY A 17 -1.58 46.43 -6.74
C GLY A 17 -2.43 46.12 -7.96
N VAL A 18 -3.63 45.62 -7.71
CA VAL A 18 -4.56 45.26 -8.77
C VAL A 18 -5.97 45.74 -8.40
N SER A 19 -6.76 46.14 -9.39
CA SER A 19 -8.13 46.62 -9.13
C SER A 19 -9.17 45.53 -9.27
N GLU A 20 -10.06 45.45 -8.28
CA GLU A 20 -11.12 44.44 -8.25
C GLU A 20 -12.11 44.61 -9.39
N THR A 21 -12.05 45.77 -10.02
CA THR A 21 -12.96 46.08 -11.10
C THR A 21 -12.33 46.10 -12.45
N THR A 22 -11.01 46.15 -12.48
CA THR A 22 -10.31 46.18 -13.75
C THR A 22 -9.56 44.88 -14.00
N GLY A 23 -8.80 44.47 -12.99
CA GLY A 23 -8.02 43.26 -13.08
C GLY A 23 -6.57 43.64 -13.28
N LEU A 24 -5.74 42.70 -13.72
CA LEU A 24 -4.35 43.03 -13.98
C LEU A 24 -4.32 43.59 -15.41
N THR A 25 -3.36 44.48 -15.68
CA THR A 25 -3.20 45.12 -17.00
C THR A 25 -2.29 44.26 -17.86
N PRO A 26 -2.33 44.42 -19.19
CA PRO A 26 -1.45 43.60 -20.03
C PRO A 26 0.01 43.63 -19.57
N ASP A 27 0.48 44.80 -19.13
CA ASP A 27 1.86 44.94 -18.66
C ASP A 27 2.08 44.19 -17.36
N GLN A 28 1.11 44.24 -16.46
CA GLN A 28 1.24 43.53 -15.20
C GLN A 28 1.32 42.02 -15.48
N VAL A 29 0.38 41.52 -16.28
CA VAL A 29 0.36 40.10 -16.62
C VAL A 29 1.72 39.64 -17.13
N LYS A 30 2.40 40.47 -17.91
CA LYS A 30 3.71 40.08 -18.46
C LYS A 30 4.77 39.95 -17.38
N ARG A 31 4.84 40.94 -16.51
CA ARG A 31 5.81 40.91 -15.44
C ARG A 31 5.52 39.77 -14.46
N HIS A 32 4.26 39.63 -14.02
CA HIS A 32 3.89 38.57 -13.06
C HIS A 32 4.22 37.16 -13.57
N LEU A 33 3.97 36.93 -14.86
CA LEU A 33 4.20 35.64 -15.51
C LEU A 33 5.69 35.32 -15.52
N GLU A 34 6.51 36.35 -15.60
CA GLU A 34 7.96 36.24 -15.61
C GLU A 34 8.53 35.96 -14.21
N LYS A 35 7.87 36.50 -13.21
CA LYS A 35 8.29 36.35 -11.83
C LYS A 35 7.75 35.12 -11.12
N TYR A 36 6.58 34.68 -11.53
CA TYR A 36 5.94 33.54 -10.88
C TYR A 36 5.87 32.33 -11.80
N GLY A 37 6.07 32.57 -13.09
CA GLY A 37 6.02 31.52 -14.08
C GLY A 37 4.59 31.17 -14.42
N HIS A 38 4.41 30.13 -15.22
CA HIS A 38 3.08 29.71 -15.61
C HIS A 38 2.39 28.93 -14.50
N ASN A 39 1.06 28.86 -14.61
CA ASN A 39 0.23 28.15 -13.65
C ASN A 39 0.15 26.66 -14.02
N GLU A 40 1.24 25.93 -13.80
CA GLU A 40 1.32 24.50 -14.11
C GLU A 40 2.15 23.76 -13.10
N LEU A 41 2.06 22.43 -13.18
CA LEU A 41 2.86 21.55 -12.34
C LEU A 41 3.95 21.09 -13.33
N PRO A 42 5.23 21.21 -12.95
CA PRO A 42 6.36 20.83 -13.80
C PRO A 42 6.18 19.62 -14.69
N ALA A 43 7.05 19.54 -15.69
CA ALA A 43 7.10 18.48 -16.70
C ALA A 43 7.32 17.07 -16.12
N GLU A 44 7.71 16.12 -16.96
CA GLU A 44 7.92 14.73 -16.54
C GLU A 44 9.29 14.12 -16.83
N GLU A 45 9.40 12.86 -16.40
CA GLU A 45 10.59 12.05 -16.58
C GLU A 45 10.67 11.74 -18.08
N GLY A 46 11.52 12.46 -18.81
CA GLY A 46 11.63 12.18 -20.23
C GLY A 46 12.30 10.84 -20.54
N LYS A 47 12.04 9.82 -19.71
CA LYS A 47 12.65 8.51 -19.92
C LYS A 47 12.29 8.03 -21.31
N SER A 48 13.31 7.87 -22.14
CA SER A 48 13.18 7.45 -23.53
C SER A 48 13.26 5.93 -23.75
N LEU A 49 12.74 5.48 -24.89
CA LEU A 49 12.76 4.06 -25.19
C LEU A 49 14.20 3.58 -25.28
N TRP A 50 15.11 4.48 -25.64
CA TRP A 50 16.51 4.12 -25.75
C TRP A 50 17.19 3.93 -24.40
N GLU A 51 16.78 4.73 -23.43
CA GLU A 51 17.35 4.66 -22.09
C GLU A 51 16.71 3.51 -21.31
N LEU A 52 15.44 3.26 -21.59
CA LEU A 52 14.74 2.19 -20.91
C LEU A 52 15.42 0.84 -21.22
N VAL A 53 15.75 0.61 -22.48
CA VAL A 53 16.40 -0.64 -22.88
C VAL A 53 17.83 -0.66 -22.38
N ILE A 54 18.48 0.49 -22.33
CA ILE A 54 19.84 0.53 -21.83
C ILE A 54 19.81 0.17 -20.35
N GLU A 55 18.76 0.61 -19.65
CA GLU A 55 18.62 0.28 -18.25
C GLU A 55 18.63 -1.24 -18.13
N GLN A 56 18.04 -1.89 -19.13
CA GLN A 56 17.96 -3.35 -19.16
C GLN A 56 19.32 -4.04 -19.15
N PHE A 57 20.31 -3.45 -19.82
CA PHE A 57 21.64 -4.04 -19.90
C PHE A 57 22.67 -3.41 -18.96
N GLU A 58 22.23 -3.12 -17.75
CA GLU A 58 23.09 -2.52 -16.71
C GLU A 58 23.23 -3.40 -15.48
N ASP A 59 22.40 -4.43 -15.39
CA ASP A 59 22.49 -5.35 -14.27
C ASP A 59 23.85 -6.04 -14.44
N LEU A 60 24.44 -6.51 -13.36
CA LEU A 60 25.73 -7.17 -13.46
C LEU A 60 25.52 -8.51 -14.13
N LEU A 61 24.51 -9.23 -13.67
CA LEU A 61 24.25 -10.54 -14.22
C LEU A 61 23.76 -10.51 -15.65
N VAL A 62 23.10 -9.44 -16.08
CA VAL A 62 22.65 -9.39 -17.46
C VAL A 62 23.81 -9.02 -18.38
N ARG A 63 24.76 -8.23 -17.86
CA ARG A 63 25.90 -7.86 -18.67
C ARG A 63 26.79 -9.08 -18.80
N ILE A 64 27.10 -9.73 -17.67
CA ILE A 64 27.93 -10.91 -17.71
C ILE A 64 27.46 -11.91 -18.76
N LEU A 65 26.14 -12.05 -18.91
CA LEU A 65 25.66 -12.97 -19.94
C LEU A 65 25.87 -12.43 -21.35
N LEU A 66 25.70 -11.12 -21.52
CA LEU A 66 25.85 -10.46 -22.82
C LEU A 66 27.27 -10.56 -23.36
N LEU A 67 28.24 -10.56 -22.46
CA LEU A 67 29.63 -10.69 -22.84
C LEU A 67 29.81 -12.14 -23.34
N ALA A 68 29.32 -13.09 -22.56
CA ALA A 68 29.39 -14.52 -22.89
C ALA A 68 28.69 -14.87 -24.20
N ALA A 69 27.54 -14.26 -24.43
CA ALA A 69 26.80 -14.53 -25.65
C ALA A 69 27.63 -14.06 -26.85
N CYS A 70 28.56 -13.13 -26.62
CA CYS A 70 29.45 -12.59 -27.65
C CYS A 70 30.64 -13.51 -27.87
N ILE A 71 31.32 -13.87 -26.79
CA ILE A 71 32.46 -14.77 -26.86
C ILE A 71 31.98 -16.06 -27.53
N SER A 72 30.79 -16.49 -27.16
CA SER A 72 30.19 -17.71 -27.71
C SER A 72 29.77 -17.57 -29.17
N PHE A 73 29.49 -16.34 -29.59
CA PHE A 73 29.06 -16.02 -30.95
C PHE A 73 30.24 -15.98 -31.89
N VAL A 74 31.39 -15.61 -31.33
CA VAL A 74 32.64 -15.54 -32.08
C VAL A 74 33.19 -16.96 -32.26
N LEU A 75 33.08 -17.77 -31.22
CA LEU A 75 33.56 -19.14 -31.30
C LEU A 75 32.69 -19.88 -32.30
N ALA A 76 31.40 -19.94 -32.01
CA ALA A 76 30.45 -20.64 -32.85
C ALA A 76 30.28 -19.98 -34.20
N TRP A 77 31.28 -19.23 -34.64
CA TRP A 77 31.26 -18.58 -35.95
C TRP A 77 32.53 -19.01 -36.68
N PHE A 78 33.52 -18.12 -36.72
CA PHE A 78 34.79 -18.41 -37.39
C PHE A 78 35.43 -19.74 -36.94
N GLU A 79 36.37 -19.64 -35.97
CA GLU A 79 37.08 -20.82 -35.46
C GLU A 79 36.11 -21.87 -34.95
N GLU A 80 35.90 -22.83 -35.84
CA GLU A 80 34.96 -23.94 -35.71
C GLU A 80 34.22 -23.75 -37.09
N GLY A 81 34.46 -24.65 -38.08
CA GLY A 81 33.82 -24.62 -39.43
C GLY A 81 33.24 -25.94 -40.06
N GLU A 82 31.99 -26.06 -40.56
CA GLU A 82 31.72 -27.41 -41.16
C GLU A 82 31.84 -28.49 -40.09
N GLU A 83 31.05 -29.56 -40.13
CA GLU A 83 31.12 -30.64 -39.11
C GLU A 83 30.08 -30.30 -38.04
N THR A 84 29.57 -29.08 -38.15
CA THR A 84 28.54 -28.54 -37.25
C THR A 84 27.81 -27.35 -37.89
N ILE A 85 26.49 -27.44 -37.86
CA ILE A 85 25.59 -26.41 -38.39
C ILE A 85 24.84 -25.76 -37.22
N THR A 86 25.11 -26.26 -36.02
CA THR A 86 24.49 -25.79 -34.78
C THR A 86 25.21 -24.57 -34.24
N ALA A 87 26.41 -24.32 -34.72
CA ALA A 87 27.14 -23.15 -34.28
C ALA A 87 26.10 -22.04 -34.38
N PHE A 88 26.10 -21.14 -33.41
CA PHE A 88 25.16 -20.00 -33.35
C PHE A 88 23.93 -20.28 -32.52
N VAL A 89 23.62 -21.56 -32.32
CA VAL A 89 22.47 -21.93 -31.50
C VAL A 89 22.68 -21.43 -30.08
N GLU A 90 23.93 -21.56 -29.61
CA GLU A 90 24.30 -21.12 -28.27
C GLU A 90 24.18 -19.61 -28.13
N PRO A 91 24.78 -18.84 -29.06
CA PRO A 91 24.70 -17.37 -28.99
C PRO A 91 23.27 -16.87 -29.17
N PHE A 92 22.51 -17.56 -30.03
CA PHE A 92 21.13 -17.22 -30.32
C PHE A 92 20.18 -17.38 -29.10
N VAL A 93 20.31 -18.50 -28.38
CA VAL A 93 19.47 -18.75 -27.21
C VAL A 93 19.76 -17.75 -26.10
N ILE A 94 21.03 -17.42 -25.88
CA ILE A 94 21.39 -16.44 -24.83
C ILE A 94 20.86 -15.07 -25.20
N LEU A 95 20.86 -14.73 -26.48
CA LEU A 95 20.37 -13.44 -26.88
C LEU A 95 18.87 -13.34 -26.67
N LEU A 96 18.14 -14.43 -26.92
CA LEU A 96 16.70 -14.44 -26.70
C LEU A 96 16.40 -14.19 -25.25
N ILE A 97 17.05 -14.95 -24.37
CA ILE A 97 16.84 -14.76 -22.95
C ILE A 97 17.09 -13.30 -22.55
N LEU A 98 18.02 -12.63 -23.21
CA LEU A 98 18.29 -11.23 -22.86
C LEU A 98 17.29 -10.26 -23.50
N ILE A 99 17.36 -10.14 -24.83
CA ILE A 99 16.46 -9.23 -25.57
C ILE A 99 15.02 -9.52 -25.20
N ALA A 100 14.65 -10.80 -25.13
CA ALA A 100 13.30 -11.16 -24.77
C ALA A 100 13.08 -10.69 -23.34
N ASN A 101 14.05 -10.92 -22.46
CA ASN A 101 13.91 -10.46 -21.08
C ASN A 101 13.73 -8.96 -20.96
N ALA A 102 14.42 -8.21 -21.81
CA ALA A 102 14.33 -6.74 -21.80
C ALA A 102 12.92 -6.26 -22.20
N ILE A 103 12.22 -7.06 -22.99
CA ILE A 103 10.86 -6.71 -23.40
C ILE A 103 10.03 -6.66 -22.13
N VAL A 104 10.21 -7.66 -21.27
CA VAL A 104 9.49 -7.68 -19.99
C VAL A 104 9.72 -6.30 -19.34
N GLY A 105 10.97 -5.96 -19.09
CA GLY A 105 11.29 -4.68 -18.47
C GLY A 105 10.68 -3.44 -19.11
N VAL A 106 10.61 -3.39 -20.43
CA VAL A 106 10.04 -2.23 -21.12
C VAL A 106 8.50 -2.23 -21.17
N TRP A 107 7.88 -3.40 -21.17
CA TRP A 107 6.42 -3.47 -21.21
C TRP A 107 5.93 -3.21 -19.80
N GLN A 108 6.55 -3.90 -18.87
CA GLN A 108 6.22 -3.78 -17.46
C GLN A 108 6.17 -2.30 -17.09
N GLU A 109 7.20 -1.59 -17.52
CA GLU A 109 7.32 -0.17 -17.24
C GLU A 109 6.33 0.69 -18.01
N ARG A 110 6.18 0.48 -19.30
CA ARG A 110 5.24 1.31 -20.06
C ARG A 110 3.83 1.24 -19.49
N ASN A 111 3.49 0.14 -18.84
CA ASN A 111 2.16 -0.01 -18.26
C ASN A 111 2.08 0.51 -16.84
N ALA A 112 3.22 0.94 -16.31
CA ALA A 112 3.32 1.50 -14.96
C ALA A 112 2.75 2.91 -14.98
N GLU A 113 2.33 3.39 -13.82
CA GLU A 113 1.74 4.71 -13.75
C GLU A 113 2.30 5.56 -12.62
N ASN A 114 2.53 6.82 -12.96
CA ASN A 114 3.09 7.82 -12.05
C ASN A 114 2.02 8.47 -11.17
N ALA A 115 2.27 8.48 -9.86
CA ALA A 115 1.34 9.11 -8.94
C ALA A 115 1.28 10.62 -9.24
N ILE A 116 2.43 11.20 -9.57
CA ILE A 116 2.54 12.62 -9.89
C ILE A 116 1.84 13.02 -11.19
N GLU A 117 1.55 12.04 -12.04
CA GLU A 117 0.86 12.33 -13.28
C GLU A 117 -0.62 12.34 -13.00
N ALA A 118 -1.02 11.67 -11.92
CA ALA A 118 -2.42 11.58 -11.55
C ALA A 118 -2.99 12.92 -11.08
N LEU A 119 -2.11 13.79 -10.59
CA LEU A 119 -2.51 15.12 -10.14
C LEU A 119 -2.84 15.96 -11.36
N LYS A 120 -1.96 15.91 -12.35
CA LYS A 120 -2.17 16.68 -13.56
C LYS A 120 -3.64 16.74 -13.95
N GLU A 121 -4.43 15.75 -13.55
CA GLU A 121 -5.82 15.83 -13.96
C GLU A 121 -6.62 16.87 -13.19
N TYR A 122 -6.29 17.09 -11.93
CA TYR A 122 -6.99 18.08 -11.10
C TYR A 122 -6.72 19.51 -11.52
N GLU A 123 -6.42 19.72 -12.80
CA GLU A 123 -6.14 21.04 -13.33
C GLU A 123 -7.09 21.41 -14.46
N PRO A 124 -7.95 22.38 -14.21
CA PRO A 124 -8.86 22.79 -15.27
C PRO A 124 -8.06 23.18 -16.50
N GLU A 125 -8.59 22.86 -17.67
CA GLU A 125 -7.94 23.21 -18.92
C GLU A 125 -7.88 24.72 -19.02
N MET A 126 -8.96 25.39 -18.62
CA MET A 126 -9.01 26.85 -18.69
C MET A 126 -9.66 27.48 -17.47
N GLY A 127 -9.58 28.80 -17.39
CA GLY A 127 -10.16 29.51 -16.27
C GLY A 127 -10.78 30.83 -16.71
N LYS A 128 -11.55 31.49 -15.83
CA LYS A 128 -12.19 32.77 -16.18
C LYS A 128 -11.62 33.94 -15.35
N VAL A 129 -11.08 34.94 -16.04
CA VAL A 129 -10.48 36.09 -15.38
C VAL A 129 -10.94 37.44 -15.92
N TYR A 130 -10.70 38.48 -15.12
CA TYR A 130 -11.02 39.85 -15.45
C TYR A 130 -9.72 40.63 -15.65
N ARG A 131 -9.34 40.82 -16.90
CA ARG A 131 -8.12 41.56 -17.23
C ARG A 131 -8.48 43.03 -17.44
N ALA A 132 -7.47 43.89 -17.37
CA ALA A 132 -7.67 45.33 -17.53
C ALA A 132 -7.70 45.78 -18.97
N ASP A 133 -8.39 45.02 -19.82
CA ASP A 133 -8.46 45.39 -21.22
C ASP A 133 -9.81 45.07 -21.85
N ARG A 134 -10.68 44.48 -21.04
CA ARG A 134 -12.02 44.10 -21.46
C ARG A 134 -12.89 44.08 -20.22
N LYS A 135 -14.10 44.59 -20.31
CA LYS A 135 -14.98 44.58 -19.15
C LYS A 135 -15.58 43.20 -19.04
N SER A 136 -15.77 42.59 -20.21
CA SER A 136 -16.32 41.26 -20.30
C SER A 136 -15.30 40.34 -19.68
N VAL A 137 -15.75 39.20 -19.17
CA VAL A 137 -14.84 38.24 -18.60
C VAL A 137 -14.27 37.44 -19.76
N GLN A 138 -12.97 37.16 -19.73
CA GLN A 138 -12.36 36.36 -20.79
C GLN A 138 -12.15 34.97 -20.25
N ARG A 139 -12.01 33.99 -21.14
CA ARG A 139 -11.84 32.61 -20.76
C ARG A 139 -10.57 32.00 -21.37
N ILE A 140 -9.45 32.29 -20.72
CA ILE A 140 -8.15 31.82 -21.16
C ILE A 140 -7.78 30.46 -20.57
N LYS A 141 -6.61 29.96 -20.94
CA LYS A 141 -6.14 28.68 -20.45
C LYS A 141 -5.57 28.85 -19.04
N ALA A 142 -5.93 27.95 -18.14
CA ALA A 142 -5.50 28.01 -16.74
C ALA A 142 -4.00 28.19 -16.60
N ARG A 143 -3.29 27.77 -17.63
CA ARG A 143 -1.84 27.83 -17.69
C ARG A 143 -1.28 29.25 -17.66
N ASP A 144 -2.05 30.20 -18.18
CA ASP A 144 -1.62 31.60 -18.24
C ASP A 144 -2.12 32.46 -17.07
N ILE A 145 -2.98 31.91 -16.21
CA ILE A 145 -3.50 32.64 -15.06
C ILE A 145 -2.31 32.95 -14.16
N VAL A 146 -2.29 34.15 -13.59
CA VAL A 146 -1.16 34.60 -12.79
C VAL A 146 -1.51 35.09 -11.39
N PRO A 147 -0.54 35.01 -10.45
CA PRO A 147 -0.81 35.48 -9.08
C PRO A 147 -1.21 36.95 -9.18
N GLY A 148 -2.25 37.35 -8.45
CA GLY A 148 -2.65 38.72 -8.49
C GLY A 148 -3.83 39.08 -9.37
N ASP A 149 -4.06 38.40 -10.51
CA ASP A 149 -5.20 38.81 -11.33
C ASP A 149 -6.54 38.34 -10.77
N ILE A 150 -7.60 39.07 -11.13
CA ILE A 150 -8.96 38.82 -10.67
C ILE A 150 -9.61 37.68 -11.41
N VAL A 151 -10.03 36.69 -10.65
CA VAL A 151 -10.62 35.50 -11.21
C VAL A 151 -12.06 35.33 -10.77
N GLU A 152 -12.86 34.75 -11.66
CA GLU A 152 -14.25 34.48 -11.41
C GLU A 152 -14.51 32.99 -11.61
N VAL A 153 -15.25 32.41 -10.68
CA VAL A 153 -15.58 30.98 -10.72
C VAL A 153 -17.04 30.79 -10.40
N ALA A 154 -17.66 29.76 -10.97
CA ALA A 154 -19.07 29.49 -10.70
C ALA A 154 -19.27 27.99 -10.55
N VAL A 155 -20.49 27.58 -10.21
CA VAL A 155 -20.80 26.17 -10.04
C VAL A 155 -20.31 25.33 -11.22
N GLY A 156 -19.75 24.16 -10.91
CA GLY A 156 -19.21 23.26 -11.91
C GLY A 156 -17.73 23.50 -12.15
N ASP A 157 -17.36 24.78 -12.29
CA ASP A 157 -15.97 25.18 -12.51
C ASP A 157 -15.03 24.50 -11.50
N LYS A 158 -13.88 24.07 -11.96
CA LYS A 158 -12.90 23.47 -11.07
C LYS A 158 -11.90 24.58 -10.83
N VAL A 159 -11.68 24.93 -9.57
CA VAL A 159 -10.77 26.02 -9.22
C VAL A 159 -9.41 25.90 -9.91
N PRO A 160 -9.04 26.93 -10.68
CA PRO A 160 -7.79 27.01 -11.45
C PRO A 160 -6.49 27.34 -10.70
N ALA A 161 -6.58 28.01 -9.58
CA ALA A 161 -5.39 28.36 -8.80
C ALA A 161 -5.80 28.51 -7.35
N ASP A 162 -4.85 28.77 -6.47
CA ASP A 162 -5.26 28.96 -5.11
C ASP A 162 -5.71 30.40 -5.06
N ILE A 163 -7.00 30.57 -4.86
CA ILE A 163 -7.64 31.86 -4.85
C ILE A 163 -8.08 32.33 -3.47
N ARG A 164 -7.91 33.63 -3.22
CA ARG A 164 -8.36 34.30 -1.97
C ARG A 164 -9.69 34.94 -2.44
N ILE A 165 -10.79 34.62 -1.77
CA ILE A 165 -12.10 35.14 -2.20
C ILE A 165 -12.36 36.59 -1.84
N LEU A 166 -12.59 37.43 -2.85
CA LEU A 166 -12.85 38.86 -2.64
C LEU A 166 -14.28 39.17 -2.25
N SER A 167 -15.24 38.60 -2.98
CA SER A 167 -16.66 38.81 -2.70
C SER A 167 -17.51 37.77 -3.41
N ILE A 168 -18.48 37.24 -2.68
CA ILE A 168 -19.38 36.21 -3.17
C ILE A 168 -20.58 36.79 -3.90
N LYS A 169 -20.63 36.56 -5.20
CA LYS A 169 -21.70 37.06 -6.06
C LYS A 169 -23.05 36.40 -5.76
N SER A 170 -23.03 35.09 -5.53
CA SER A 170 -24.24 34.36 -5.21
C SER A 170 -24.68 34.62 -3.77
N THR A 171 -25.73 33.92 -3.35
CA THR A 171 -26.25 34.07 -2.00
C THR A 171 -25.40 33.26 -1.04
N THR A 172 -24.91 32.13 -1.56
CA THR A 172 -24.08 31.26 -0.76
C THR A 172 -23.11 30.52 -1.68
N LEU A 173 -21.89 30.32 -1.20
CA LEU A 173 -20.87 29.61 -1.96
C LEU A 173 -20.46 28.33 -1.25
N ARG A 174 -20.66 27.21 -1.94
CA ARG A 174 -20.33 25.86 -1.47
C ARG A 174 -19.20 25.26 -2.30
N VAL A 175 -18.19 24.76 -1.61
CA VAL A 175 -17.04 24.12 -2.26
C VAL A 175 -16.88 22.68 -1.79
N ASP A 176 -16.37 21.83 -2.67
CA ASP A 176 -16.11 20.43 -2.35
C ASP A 176 -14.60 20.22 -2.37
N GLN A 177 -13.98 20.19 -1.20
CA GLN A 177 -12.54 19.99 -1.11
C GLN A 177 -12.18 18.71 -0.33
N SER A 178 -13.00 17.69 -0.51
CA SER A 178 -12.83 16.40 0.15
C SER A 178 -11.46 15.79 -0.15
N ILE A 179 -11.05 15.86 -1.42
CA ILE A 179 -9.77 15.28 -1.83
C ILE A 179 -8.58 15.94 -1.16
N LEU A 180 -8.69 17.24 -0.93
CA LEU A 180 -7.59 17.97 -0.35
C LEU A 180 -7.66 18.22 1.16
N THR A 181 -8.76 17.83 1.81
CA THR A 181 -8.92 18.02 3.26
C THR A 181 -9.60 16.81 3.87
N GLY A 182 -10.27 16.02 3.04
CA GLY A 182 -10.96 14.86 3.57
C GLY A 182 -12.37 15.16 4.03
N GLU A 183 -12.81 16.41 3.92
CA GLU A 183 -14.18 16.75 4.33
C GLU A 183 -15.17 16.13 3.35
N SER A 184 -16.12 15.38 3.89
CA SER A 184 -17.13 14.69 3.07
C SER A 184 -18.15 15.61 2.38
N VAL A 185 -18.75 16.51 3.15
CA VAL A 185 -19.76 17.44 2.64
C VAL A 185 -19.15 18.70 2.02
N SER A 186 -19.92 19.36 1.16
CA SER A 186 -19.47 20.58 0.51
C SER A 186 -19.45 21.62 1.62
N VAL A 187 -18.34 22.33 1.77
CA VAL A 187 -18.21 23.32 2.83
C VAL A 187 -18.61 24.75 2.38
N ILE A 188 -18.91 25.63 3.35
CA ILE A 188 -19.30 27.02 3.09
C ILE A 188 -18.11 27.98 3.23
N LYS A 189 -17.94 28.83 2.23
CA LYS A 189 -16.85 29.82 2.21
C LYS A 189 -17.32 31.20 2.62
N HIS A 190 -16.39 32.02 3.10
CA HIS A 190 -16.66 33.40 3.53
C HIS A 190 -15.61 34.38 2.99
N THR A 191 -15.73 35.66 3.33
CA THR A 191 -14.79 36.65 2.81
C THR A 191 -13.90 37.27 3.89
N GLU A 192 -14.38 37.25 5.11
CA GLU A 192 -13.63 37.81 6.22
C GLU A 192 -12.39 36.97 6.48
N PRO A 193 -11.26 37.64 6.82
CA PRO A 193 -9.99 36.97 7.08
C PRO A 193 -9.95 36.01 8.27
N VAL A 194 -8.96 35.13 8.23
CA VAL A 194 -8.69 34.15 9.28
C VAL A 194 -7.38 34.68 9.89
N PRO A 195 -7.43 35.12 11.17
CA PRO A 195 -6.32 35.69 11.96
C PRO A 195 -5.04 34.85 12.03
N ASP A 196 -5.20 33.54 12.25
CA ASP A 196 -4.09 32.59 12.35
C ASP A 196 -3.25 32.52 11.07
N PRO A 197 -1.94 32.77 11.20
CA PRO A 197 -1.04 32.71 10.04
C PRO A 197 -0.61 31.27 9.76
N ARG A 198 -0.87 30.40 10.73
CA ARG A 198 -0.49 29.00 10.62
C ARG A 198 -1.70 28.07 10.61
N ALA A 199 -2.79 28.50 9.98
CA ALA A 199 -4.01 27.71 9.92
C ALA A 199 -3.90 26.54 8.98
N VAL A 200 -4.61 25.47 9.30
CA VAL A 200 -4.67 24.27 8.49
C VAL A 200 -5.65 24.56 7.34
N ASN A 201 -5.58 23.86 6.23
CA ASN A 201 -6.51 24.18 5.14
C ASN A 201 -7.97 24.03 5.48
N GLN A 202 -8.27 23.20 6.46
CA GLN A 202 -9.66 23.00 6.83
C GLN A 202 -10.25 24.28 7.41
N ASP A 203 -9.38 25.17 7.88
CA ASP A 203 -9.84 26.41 8.49
C ASP A 203 -9.66 27.68 7.68
N LYS A 204 -9.14 27.55 6.48
CA LYS A 204 -8.99 28.71 5.61
C LYS A 204 -10.33 28.75 4.89
N LYS A 205 -11.33 29.33 5.57
CA LYS A 205 -12.70 29.45 5.06
C LYS A 205 -12.85 30.43 3.91
N ASN A 206 -11.84 31.29 3.75
CA ASN A 206 -11.81 32.31 2.70
C ASN A 206 -10.91 31.97 1.52
N MET A 207 -10.59 30.68 1.34
CA MET A 207 -9.71 30.27 0.25
C MET A 207 -10.31 29.20 -0.60
N LEU A 208 -10.03 29.24 -1.89
CA LEU A 208 -10.51 28.19 -2.78
C LEU A 208 -9.22 27.46 -3.11
N PHE A 209 -9.23 26.13 -3.10
CA PHE A 209 -7.99 25.45 -3.42
C PHE A 209 -7.98 24.95 -4.83
N SER A 210 -6.90 25.23 -5.57
CA SER A 210 -6.82 24.78 -6.95
C SER A 210 -7.02 23.28 -6.96
N GLY A 211 -8.00 22.79 -7.70
CA GLY A 211 -8.25 21.36 -7.76
C GLY A 211 -9.62 20.97 -7.24
N THR A 212 -10.21 21.76 -6.35
CA THR A 212 -11.53 21.43 -5.82
C THR A 212 -12.64 21.96 -6.74
N ASN A 213 -13.88 21.60 -6.43
CA ASN A 213 -15.01 22.01 -7.24
C ASN A 213 -15.89 23.02 -6.57
N ILE A 214 -16.58 23.80 -7.38
CA ILE A 214 -17.51 24.75 -6.81
C ILE A 214 -18.81 23.95 -6.83
N ALA A 215 -19.30 23.65 -5.64
CA ALA A 215 -20.52 22.89 -5.52
C ALA A 215 -21.74 23.77 -5.82
N ALA A 216 -21.77 24.94 -5.20
CA ALA A 216 -22.88 25.88 -5.34
C ALA A 216 -22.41 27.34 -5.25
N GLY A 217 -22.99 28.19 -6.09
CA GLY A 217 -22.64 29.60 -6.05
C GLY A 217 -21.71 30.09 -7.14
N LYS A 218 -21.39 31.37 -7.04
CA LYS A 218 -20.51 32.06 -7.95
C LYS A 218 -19.85 33.11 -7.06
N ALA A 219 -18.57 33.40 -7.35
CA ALA A 219 -17.83 34.40 -6.59
C ALA A 219 -16.60 34.85 -7.33
N LEU A 220 -16.09 35.99 -6.90
CA LEU A 220 -14.92 36.61 -7.49
C LEU A 220 -13.80 36.46 -6.49
N GLY A 221 -12.58 36.42 -7.02
CA GLY A 221 -11.44 36.29 -6.16
C GLY A 221 -10.11 36.63 -6.82
N ILE A 222 -9.15 37.00 -5.99
CA ILE A 222 -7.84 37.33 -6.50
C ILE A 222 -6.98 36.07 -6.31
N VAL A 223 -6.20 35.71 -7.33
CA VAL A 223 -5.33 34.52 -7.27
C VAL A 223 -4.12 34.75 -6.36
N ALA A 224 -4.02 33.97 -5.28
CA ALA A 224 -2.95 34.08 -4.30
C ALA A 224 -1.66 33.44 -4.79
N THR A 225 -1.63 32.11 -4.87
CA THR A 225 -0.46 31.37 -5.36
C THR A 225 -0.78 30.70 -6.68
N THR A 226 0.26 30.38 -7.44
CA THR A 226 0.11 29.76 -8.74
C THR A 226 0.89 28.43 -8.78
N GLY A 227 0.73 27.66 -9.85
CA GLY A 227 1.44 26.40 -10.02
C GLY A 227 1.93 25.57 -8.84
N VAL A 228 3.26 25.50 -8.68
CA VAL A 228 3.89 24.72 -7.61
C VAL A 228 3.75 25.30 -6.19
N SER A 229 3.25 26.53 -6.09
CA SER A 229 3.09 27.20 -4.78
C SER A 229 1.71 27.01 -4.16
N THR A 230 0.84 26.27 -4.84
CA THR A 230 -0.52 25.99 -4.39
C THR A 230 -0.52 24.80 -3.44
N GLU A 231 -1.58 24.62 -2.65
CA GLU A 231 -1.62 23.50 -1.72
C GLU A 231 -1.45 22.14 -2.37
N ILE A 232 -1.73 22.06 -3.67
CA ILE A 232 -1.61 20.82 -4.42
C ILE A 232 -0.23 20.73 -5.04
N GLY A 233 0.34 21.86 -5.43
CA GLY A 233 1.66 21.85 -6.03
C GLY A 233 2.69 21.55 -4.97
N LYS A 234 2.36 21.89 -3.73
CA LYS A 234 3.25 21.64 -2.60
C LYS A 234 3.29 20.15 -2.29
N ILE A 235 2.21 19.45 -2.65
CA ILE A 235 2.12 18.02 -2.44
C ILE A 235 2.91 17.35 -3.54
N ARG A 236 2.82 17.89 -4.75
CA ARG A 236 3.60 17.34 -5.84
C ARG A 236 5.08 17.44 -5.50
N ASP A 237 5.48 18.48 -4.78
CA ASP A 237 6.88 18.63 -4.44
C ASP A 237 7.37 17.63 -3.43
N GLN A 238 6.51 17.20 -2.52
CA GLN A 238 6.92 16.24 -1.51
C GLN A 238 7.01 14.83 -2.09
N MET A 239 6.09 14.50 -2.99
CA MET A 239 6.10 13.21 -3.63
C MET A 239 7.26 13.11 -4.60
N ALA A 240 7.76 14.23 -5.09
CA ALA A 240 8.86 14.17 -6.01
C ALA A 240 10.21 14.20 -5.28
N ALA A 241 10.27 14.90 -4.16
CA ALA A 241 11.51 15.00 -3.40
C ALA A 241 11.74 13.69 -2.63
N THR A 242 10.69 12.88 -2.58
CA THR A 242 10.74 11.61 -1.90
C THR A 242 11.42 10.56 -2.79
N GLU A 243 12.12 9.62 -2.14
CA GLU A 243 12.83 8.55 -2.82
C GLU A 243 12.44 7.17 -2.29
N GLN A 244 12.07 6.29 -3.21
CA GLN A 244 11.67 4.93 -2.87
C GLN A 244 12.89 3.98 -2.80
N ASP A 245 13.12 3.36 -1.65
CA ASP A 245 14.25 2.41 -1.52
C ASP A 245 14.02 1.24 -2.50
N LYS A 246 14.07 0.02 -1.99
CA LYS A 246 13.84 -1.15 -2.83
C LYS A 246 13.69 -2.39 -1.97
N THR A 247 12.62 -3.14 -2.21
CA THR A 247 12.34 -4.34 -1.46
C THR A 247 13.64 -5.05 -1.09
N PRO A 248 13.81 -5.39 0.19
CA PRO A 248 15.04 -6.04 0.61
C PRO A 248 15.58 -7.12 -0.35
N LEU A 249 14.69 -7.91 -0.94
CA LEU A 249 15.07 -8.99 -1.87
C LEU A 249 15.80 -8.42 -3.08
N GLN A 250 15.34 -7.26 -3.55
CA GLN A 250 15.96 -6.60 -4.68
C GLN A 250 17.34 -6.11 -4.25
N GLN A 251 17.53 -5.96 -2.95
CA GLN A 251 18.80 -5.51 -2.40
C GLN A 251 19.74 -6.69 -2.33
N LYS A 252 19.20 -7.81 -1.86
CA LYS A 252 19.95 -9.05 -1.75
C LYS A 252 20.33 -9.58 -3.12
N LEU A 253 19.70 -9.01 -4.14
CA LEU A 253 19.93 -9.40 -5.52
C LEU A 253 21.08 -8.60 -6.11
N ASP A 254 21.25 -7.37 -5.64
CA ASP A 254 22.36 -6.55 -6.11
C ASP A 254 23.58 -7.07 -5.38
N GLU A 255 23.36 -7.56 -4.17
CA GLU A 255 24.46 -8.10 -3.36
C GLU A 255 24.97 -9.40 -3.97
N PHE A 256 24.06 -10.29 -4.31
CA PHE A 256 24.42 -11.56 -4.91
C PHE A 256 25.14 -11.38 -6.24
N GLY A 257 24.77 -10.34 -6.97
CA GLY A 257 25.39 -10.09 -8.26
C GLY A 257 26.84 -9.67 -8.10
N GLU A 258 27.10 -8.72 -7.20
CA GLU A 258 28.46 -8.24 -6.95
C GLU A 258 29.36 -9.40 -6.56
N GLN A 259 28.81 -10.30 -5.75
CA GLN A 259 29.55 -11.47 -5.32
C GLN A 259 29.74 -12.47 -6.45
N LEU A 260 28.65 -12.88 -7.08
CA LEU A 260 28.72 -13.83 -8.18
C LEU A 260 29.57 -13.28 -9.31
N SER A 261 30.15 -12.12 -9.08
CA SER A 261 31.00 -11.51 -10.07
C SER A 261 32.45 -11.69 -9.66
N LYS A 262 32.71 -11.44 -8.36
CA LYS A 262 34.04 -11.59 -7.79
C LYS A 262 34.45 -13.06 -7.80
N VAL A 263 33.53 -13.93 -7.42
CA VAL A 263 33.81 -15.35 -7.41
C VAL A 263 34.19 -15.85 -8.81
N ILE A 264 33.41 -15.46 -9.83
CA ILE A 264 33.68 -15.88 -11.20
C ILE A 264 35.09 -15.57 -11.65
N SER A 265 35.48 -14.31 -11.49
CA SER A 265 36.82 -13.90 -11.88
C SER A 265 37.90 -14.60 -11.04
N LEU A 266 37.59 -14.97 -9.79
CA LEU A 266 38.54 -15.70 -8.96
C LEU A 266 38.73 -17.09 -9.56
N ILE A 267 37.61 -17.76 -9.85
CA ILE A 267 37.60 -19.10 -10.46
C ILE A 267 38.51 -19.20 -11.69
N CYS A 268 38.65 -18.10 -12.42
CA CYS A 268 39.49 -18.06 -13.60
C CYS A 268 40.94 -17.91 -13.17
N VAL A 269 41.19 -17.07 -12.17
CA VAL A 269 42.54 -16.96 -11.69
C VAL A 269 42.95 -18.36 -11.18
N ALA A 270 42.07 -18.99 -10.40
CA ALA A 270 42.35 -20.33 -9.85
C ALA A 270 42.60 -21.35 -10.96
N VAL A 271 41.64 -21.49 -11.87
CA VAL A 271 41.74 -22.41 -13.01
C VAL A 271 43.06 -22.16 -13.75
N TRP A 272 43.43 -20.89 -13.87
CA TRP A 272 44.67 -20.54 -14.55
C TRP A 272 45.90 -21.07 -13.81
N LEU A 273 45.89 -20.98 -12.49
CA LEU A 273 47.00 -21.46 -11.66
C LEU A 273 47.08 -22.98 -11.64
N ILE A 274 45.91 -23.62 -11.61
CA ILE A 274 45.84 -25.07 -11.59
C ILE A 274 46.50 -25.60 -12.86
N ASN A 275 46.48 -24.80 -13.91
CA ASN A 275 47.09 -25.19 -15.16
C ASN A 275 48.32 -24.33 -15.46
N ILE A 276 49.16 -24.13 -14.45
CA ILE A 276 50.35 -23.30 -14.59
C ILE A 276 51.55 -24.07 -15.16
N GLY A 277 51.49 -25.40 -15.10
CA GLY A 277 52.58 -26.19 -15.63
C GLY A 277 52.75 -25.90 -17.11
N HIS A 278 51.70 -25.45 -17.77
CA HIS A 278 51.78 -25.14 -19.19
C HIS A 278 52.94 -24.20 -19.51
N PHE A 279 53.40 -23.44 -18.51
CA PHE A 279 54.51 -22.52 -18.73
C PHE A 279 55.81 -23.31 -18.73
N ASN A 280 55.67 -24.62 -18.59
CA ASN A 280 56.80 -25.54 -18.59
C ASN A 280 56.61 -26.52 -19.71
N ASP A 281 56.20 -26.01 -20.87
CA ASP A 281 55.98 -26.84 -22.05
C ASP A 281 56.76 -26.38 -23.27
N PRO A 282 56.84 -27.24 -24.30
CA PRO A 282 57.55 -26.92 -25.54
C PRO A 282 56.99 -25.67 -26.21
N VAL A 283 57.87 -24.75 -26.57
CA VAL A 283 57.44 -23.52 -27.23
C VAL A 283 56.86 -23.81 -28.63
N HIS A 284 57.35 -24.85 -29.28
CA HIS A 284 56.86 -25.17 -30.62
C HIS A 284 55.74 -26.19 -30.60
N GLY A 285 55.47 -26.78 -29.44
CA GLY A 285 54.42 -27.78 -29.29
C GLY A 285 53.25 -27.80 -30.27
N GLY A 286 52.43 -26.75 -30.23
CA GLY A 286 51.27 -26.68 -31.11
C GLY A 286 49.98 -26.83 -30.32
N SER A 287 48.84 -26.56 -30.98
CA SER A 287 47.50 -26.64 -30.36
C SER A 287 47.24 -25.32 -29.65
N TRP A 288 48.21 -24.43 -29.75
CA TRP A 288 48.17 -23.12 -29.12
C TRP A 288 46.81 -22.46 -29.33
N ILE A 289 46.34 -22.49 -30.58
CA ILE A 289 45.06 -21.86 -30.90
C ILE A 289 43.87 -22.65 -30.40
N ARG A 290 44.03 -23.96 -30.28
CA ARG A 290 42.95 -24.80 -29.79
C ARG A 290 42.77 -24.58 -28.28
N GLY A 291 43.87 -24.37 -27.58
CA GLY A 291 43.79 -24.16 -26.15
C GLY A 291 42.98 -22.95 -25.76
N ALA A 292 43.16 -21.86 -26.50
CA ALA A 292 42.44 -20.63 -26.22
C ALA A 292 40.94 -20.81 -26.46
N ILE A 293 40.57 -21.68 -27.40
CA ILE A 293 39.17 -21.92 -27.72
C ILE A 293 38.53 -22.76 -26.64
N TYR A 294 39.36 -23.55 -25.98
CA TYR A 294 38.89 -24.39 -24.90
C TYR A 294 38.52 -23.49 -23.71
N TYR A 295 39.45 -22.62 -23.33
CA TYR A 295 39.22 -21.72 -22.20
C TYR A 295 38.15 -20.66 -22.48
N PHE A 296 38.15 -20.12 -23.69
CA PHE A 296 37.13 -19.15 -24.05
C PHE A 296 35.77 -19.84 -24.05
N LYS A 297 35.72 -21.09 -24.53
CA LYS A 297 34.46 -21.86 -24.61
C LYS A 297 33.97 -22.39 -23.27
N ILE A 298 34.89 -22.47 -22.31
CA ILE A 298 34.49 -22.92 -20.99
C ILE A 298 34.05 -21.68 -20.19
N ALA A 299 34.47 -20.51 -20.63
CA ALA A 299 34.08 -19.26 -19.97
C ALA A 299 32.59 -19.08 -20.17
N VAL A 300 32.06 -19.42 -21.34
CA VAL A 300 30.62 -19.26 -21.55
C VAL A 300 29.83 -20.29 -20.71
N ALA A 301 30.41 -21.47 -20.55
CA ALA A 301 29.77 -22.52 -19.76
C ALA A 301 29.77 -22.06 -18.31
N LEU A 302 30.87 -21.46 -17.87
CA LEU A 302 30.95 -20.98 -16.50
C LEU A 302 29.87 -19.94 -16.18
N ALA A 303 29.68 -18.97 -17.08
CA ALA A 303 28.69 -17.89 -16.92
C ALA A 303 27.21 -18.33 -16.98
N VAL A 304 26.88 -19.27 -17.86
CA VAL A 304 25.49 -19.72 -17.94
C VAL A 304 25.22 -20.79 -16.87
N ALA A 305 26.27 -21.18 -16.18
CA ALA A 305 26.12 -22.16 -15.14
C ALA A 305 26.00 -21.44 -13.79
N ALA A 306 26.67 -20.29 -13.65
CA ALA A 306 26.64 -19.54 -12.41
C ALA A 306 25.38 -18.74 -12.18
N ILE A 307 24.85 -18.17 -13.25
CA ILE A 307 23.65 -17.35 -13.17
C ILE A 307 22.38 -18.16 -13.22
N PRO A 308 21.44 -17.85 -12.35
CA PRO A 308 20.17 -18.58 -12.33
C PRO A 308 19.18 -17.94 -13.32
N GLU A 309 19.17 -18.43 -14.57
CA GLU A 309 18.33 -17.86 -15.62
C GLU A 309 16.80 -18.04 -15.53
N GLY A 310 16.35 -19.11 -14.93
CA GLY A 310 14.91 -19.30 -14.88
C GLY A 310 14.24 -18.54 -13.76
N LEU A 311 15.03 -18.19 -12.73
CA LEU A 311 14.53 -17.50 -11.55
C LEU A 311 13.60 -16.31 -11.75
N PRO A 312 14.02 -15.28 -12.50
CA PRO A 312 13.13 -14.12 -12.71
C PRO A 312 11.74 -14.56 -13.09
N ALA A 313 11.67 -15.64 -13.87
CA ALA A 313 10.39 -16.21 -14.33
C ALA A 313 9.60 -16.86 -13.21
N VAL A 314 10.28 -17.70 -12.42
CA VAL A 314 9.70 -18.43 -11.30
C VAL A 314 9.19 -17.51 -10.19
N ILE A 315 9.91 -16.41 -9.97
CA ILE A 315 9.51 -15.46 -8.93
C ILE A 315 8.29 -14.67 -9.36
N THR A 316 8.33 -14.13 -10.57
CA THR A 316 7.19 -13.32 -11.01
C THR A 316 5.91 -14.09 -11.30
N THR A 317 6.01 -15.39 -11.55
CA THR A 317 4.80 -16.17 -11.79
C THR A 317 4.28 -16.64 -10.42
N CYS A 318 5.13 -16.66 -9.40
CA CYS A 318 4.74 -17.06 -8.04
C CYS A 318 4.00 -15.87 -7.42
N LEU A 319 4.51 -14.67 -7.66
CA LEU A 319 3.88 -13.44 -7.17
C LEU A 319 2.57 -13.21 -7.92
N ALA A 320 2.61 -13.20 -9.25
CA ALA A 320 1.40 -13.00 -10.04
C ALA A 320 0.28 -13.97 -9.62
N LEU A 321 0.64 -15.19 -9.18
CA LEU A 321 -0.37 -16.14 -8.71
C LEU A 321 -0.93 -15.62 -7.39
N GLY A 322 -0.05 -15.36 -6.43
CA GLY A 322 -0.46 -14.84 -5.14
C GLY A 322 -1.26 -13.54 -5.29
N THR A 323 -0.82 -12.70 -6.22
CA THR A 323 -1.54 -11.48 -6.48
C THR A 323 -3.02 -11.85 -6.63
N ARG A 324 -3.32 -12.71 -7.61
CA ARG A 324 -4.68 -13.15 -7.87
C ARG A 324 -5.29 -13.80 -6.64
N ARG A 325 -4.46 -14.47 -5.85
CA ARG A 325 -4.92 -15.15 -4.63
C ARG A 325 -5.33 -14.15 -3.57
N MET A 326 -4.65 -13.00 -3.54
CA MET A 326 -4.98 -11.98 -2.55
C MET A 326 -6.21 -11.22 -2.97
N ALA A 327 -6.28 -10.95 -4.28
CA ALA A 327 -7.37 -10.23 -4.91
C ALA A 327 -8.72 -10.87 -4.67
N LYS A 328 -8.72 -12.13 -4.24
CA LYS A 328 -9.97 -12.80 -3.94
C LYS A 328 -10.35 -12.46 -2.51
N LYS A 329 -9.40 -11.86 -1.78
CA LYS A 329 -9.64 -11.46 -0.41
C LYS A 329 -9.57 -9.94 -0.30
N ASN A 330 -10.07 -9.28 -1.34
CA ASN A 330 -10.11 -7.82 -1.37
C ASN A 330 -8.82 -7.09 -1.08
N ALA A 331 -7.68 -7.64 -1.47
CA ALA A 331 -6.40 -6.96 -1.28
C ALA A 331 -5.86 -6.82 -2.68
N ILE A 332 -6.02 -5.66 -3.28
CA ILE A 332 -5.51 -5.46 -4.62
C ILE A 332 -4.06 -4.99 -4.54
N VAL A 333 -3.12 -5.90 -4.75
CA VAL A 333 -1.68 -5.59 -4.70
C VAL A 333 -1.31 -5.06 -6.09
N ARG A 334 -0.80 -3.83 -6.15
CA ARG A 334 -0.39 -3.21 -7.41
C ARG A 334 1.02 -3.70 -7.77
N SER A 335 2.02 -3.17 -7.05
CA SER A 335 3.44 -3.50 -7.19
C SER A 335 3.72 -4.92 -6.69
N LEU A 336 4.15 -5.83 -7.57
CA LEU A 336 4.42 -7.21 -7.17
C LEU A 336 5.59 -7.31 -6.19
N PRO A 337 6.76 -6.75 -6.56
CA PRO A 337 8.00 -6.76 -5.76
C PRO A 337 7.79 -6.34 -4.32
N SER A 338 6.63 -5.72 -4.11
CA SER A 338 6.22 -5.19 -2.81
C SER A 338 5.53 -6.25 -1.96
N VAL A 339 5.25 -7.42 -2.53
CA VAL A 339 4.58 -8.46 -1.74
C VAL A 339 5.53 -8.97 -0.67
N GLU A 340 6.82 -8.82 -0.90
CA GLU A 340 7.78 -9.26 0.08
C GLU A 340 7.79 -8.30 1.27
N THR A 341 8.00 -7.01 0.99
CA THR A 341 8.02 -5.97 2.03
C THR A 341 6.64 -5.75 2.64
N LEU A 342 5.94 -6.83 2.93
CA LEU A 342 4.62 -6.75 3.53
C LEU A 342 4.67 -7.80 4.64
N GLY A 343 5.21 -8.97 4.29
CA GLY A 343 5.35 -10.03 5.26
C GLY A 343 6.21 -9.51 6.40
N CYS A 344 7.03 -8.52 6.10
CA CYS A 344 7.95 -7.93 7.09
C CYS A 344 7.41 -6.75 7.90
N THR A 345 6.19 -6.29 7.61
CA THR A 345 5.66 -5.13 8.32
C THR A 345 5.63 -5.35 9.82
N SER A 346 6.13 -4.36 10.56
CA SER A 346 6.17 -4.39 12.01
C SER A 346 5.20 -3.37 12.62
N VAL A 347 4.81 -2.34 11.84
CA VAL A 347 3.87 -1.31 12.32
C VAL A 347 2.79 -1.01 11.28
N ILE A 348 1.53 -0.90 11.71
CA ILE A 348 0.40 -0.58 10.82
C ILE A 348 -0.43 0.61 11.33
N CYS A 349 -0.30 1.77 10.68
CA CYS A 349 -1.06 2.98 11.03
C CYS A 349 -2.32 2.96 10.21
N SER A 350 -3.46 2.79 10.85
CA SER A 350 -4.67 2.78 10.08
C SER A 350 -5.49 4.00 10.45
N ASP A 351 -6.33 4.42 9.50
CA ASP A 351 -7.24 5.55 9.73
C ASP A 351 -8.37 4.88 10.51
N LYS A 352 -9.10 5.61 11.35
CA LYS A 352 -10.16 4.96 12.13
C LYS A 352 -11.49 4.79 11.37
N THR A 353 -12.30 5.85 11.36
CA THR A 353 -13.63 5.88 10.72
C THR A 353 -14.00 4.89 9.62
N GLY A 354 -13.40 4.99 8.45
CA GLY A 354 -13.77 4.06 7.39
C GLY A 354 -13.28 2.62 7.49
N THR A 355 -12.03 2.47 7.95
CA THR A 355 -11.36 1.18 8.05
C THR A 355 -11.51 0.39 9.37
N LEU A 356 -11.36 1.05 10.51
CA LEU A 356 -11.47 0.37 11.80
C LEU A 356 -12.93 0.18 12.25
N THR A 357 -13.73 1.20 11.97
CA THR A 357 -15.15 1.23 12.33
C THR A 357 -16.00 1.15 11.07
N THR A 358 -17.31 1.17 11.26
CA THR A 358 -18.22 1.07 10.13
C THR A 358 -18.56 2.39 9.48
N ASN A 359 -18.49 3.45 10.26
CA ASN A 359 -18.84 4.76 9.75
C ASN A 359 -20.32 4.74 9.45
N GLN A 360 -21.05 3.92 10.21
CA GLN A 360 -22.49 3.81 10.07
C GLN A 360 -23.11 4.17 11.40
N MET A 361 -23.13 5.47 11.68
CA MET A 361 -23.66 6.04 12.92
C MET A 361 -25.10 5.67 13.29
N SER A 362 -25.42 5.81 14.58
CA SER A 362 -26.75 5.56 15.14
C SER A 362 -26.79 5.95 16.62
N VAL A 363 -27.85 6.66 17.03
CA VAL A 363 -28.01 7.08 18.42
C VAL A 363 -28.45 5.93 19.34
N CYS A 364 -27.74 5.72 20.45
CA CYS A 364 -28.06 4.67 21.39
C CYS A 364 -28.66 5.18 22.69
N LYS A 365 -28.20 6.34 23.10
CA LYS A 365 -28.68 6.92 24.33
C LYS A 365 -29.06 8.40 24.18
N MET A 366 -30.01 8.83 25.01
CA MET A 366 -30.48 10.21 25.07
C MET A 366 -30.66 10.46 26.54
N PHE A 367 -30.84 11.73 26.87
CA PHE A 367 -31.09 12.12 28.24
C PHE A 367 -31.44 13.60 28.32
N ILE A 368 -32.50 13.91 29.06
CA ILE A 368 -32.98 15.27 29.24
C ILE A 368 -33.18 15.47 30.74
N ILE A 369 -33.17 16.72 31.20
CA ILE A 369 -33.33 16.93 32.64
C ILE A 369 -34.77 16.72 33.07
N ASP A 370 -34.93 16.08 34.22
CA ASP A 370 -36.26 15.79 34.73
C ASP A 370 -36.67 16.65 35.94
N LYS A 371 -35.72 16.92 36.82
CA LYS A 371 -36.01 17.75 37.97
C LYS A 371 -34.75 18.46 38.46
N VAL A 372 -34.92 19.70 38.87
CA VAL A 372 -33.81 20.48 39.35
C VAL A 372 -34.22 21.25 40.58
N ASP A 373 -34.22 20.60 41.74
CA ASP A 373 -34.61 21.28 42.97
C ASP A 373 -33.39 21.60 43.83
N GLY A 374 -32.87 22.81 43.69
CA GLY A 374 -31.71 23.18 44.49
C GLY A 374 -30.50 22.34 44.10
N ASP A 375 -30.04 21.53 45.05
CA ASP A 375 -28.89 20.67 44.78
C ASP A 375 -29.30 19.30 44.31
N PHE A 376 -30.60 19.04 44.27
CA PHE A 376 -31.08 17.76 43.81
C PHE A 376 -31.27 17.87 42.30
N CYS A 377 -31.02 16.78 41.60
CA CYS A 377 -31.16 16.74 40.15
C CYS A 377 -31.41 15.33 39.65
N SER A 378 -32.31 15.18 38.68
CA SER A 378 -32.59 13.86 38.13
C SER A 378 -32.63 13.96 36.61
N LEU A 379 -31.87 13.10 35.94
CA LEU A 379 -31.85 13.11 34.48
C LEU A 379 -32.91 12.13 34.01
N ASN A 380 -33.09 12.04 32.71
CA ASN A 380 -34.05 11.11 32.12
C ASN A 380 -33.29 10.46 30.98
N GLU A 381 -32.55 9.40 31.30
CA GLU A 381 -31.76 8.67 30.31
C GLU A 381 -32.60 7.67 29.56
N PHE A 382 -32.45 7.66 28.25
CA PHE A 382 -33.17 6.70 27.44
C PHE A 382 -32.18 5.82 26.71
N SER A 383 -32.73 4.82 26.05
CA SER A 383 -31.97 3.89 25.28
C SER A 383 -32.77 3.79 23.99
N ILE A 384 -32.09 3.69 22.85
CA ILE A 384 -32.82 3.58 21.60
C ILE A 384 -32.31 2.32 20.94
N THR A 385 -33.07 1.76 20.02
CA THR A 385 -32.64 0.54 19.35
C THR A 385 -32.62 0.67 17.84
N GLY A 386 -31.73 -0.10 17.22
CA GLY A 386 -31.59 -0.06 15.78
C GLY A 386 -30.18 0.43 15.47
N SER A 387 -29.49 -0.27 14.59
CA SER A 387 -28.13 0.09 14.21
C SER A 387 -28.09 0.65 12.80
N THR A 388 -29.09 0.33 12.01
CA THR A 388 -29.17 0.83 10.64
C THR A 388 -29.67 2.25 10.67
N TYR A 389 -29.82 2.83 9.49
CA TYR A 389 -30.36 4.16 9.39
C TYR A 389 -31.85 3.97 9.23
N ALA A 390 -32.23 2.69 9.21
CA ALA A 390 -33.62 2.27 9.07
C ALA A 390 -34.52 2.79 10.20
N PRO A 391 -35.65 3.43 9.85
CA PRO A 391 -36.55 3.96 10.88
C PRO A 391 -37.30 2.85 11.61
N GLU A 392 -36.55 1.89 12.14
CA GLU A 392 -37.18 0.78 12.85
C GLU A 392 -36.46 0.55 14.18
N GLY A 393 -37.18 0.84 15.27
CA GLY A 393 -36.66 0.68 16.60
C GLY A 393 -37.55 1.35 17.64
N GLU A 394 -37.29 1.07 18.92
CA GLU A 394 -38.11 1.66 19.97
C GLU A 394 -37.22 2.38 20.99
N VAL A 395 -37.82 3.32 21.71
CA VAL A 395 -37.09 4.06 22.73
C VAL A 395 -37.55 3.44 24.03
N LEU A 396 -36.58 2.94 24.79
CA LEU A 396 -36.85 2.28 26.05
C LEU A 396 -36.21 3.09 27.16
N LYS A 397 -37.00 3.58 28.11
CA LYS A 397 -36.42 4.36 29.19
C LYS A 397 -35.59 3.46 30.07
N ASN A 398 -36.26 2.78 30.99
CA ASN A 398 -35.54 1.88 31.88
C ASN A 398 -35.70 0.44 31.40
N ASP A 399 -35.15 0.14 30.23
CA ASP A 399 -35.24 -1.19 29.60
C ASP A 399 -36.63 -1.39 29.02
N LYS A 400 -37.56 -0.67 29.63
CA LYS A 400 -38.97 -0.74 29.27
C LYS A 400 -39.37 0.23 28.17
N PRO A 401 -40.17 -0.28 27.19
CA PRO A 401 -40.66 0.52 26.06
C PRO A 401 -41.28 1.87 26.48
N ILE A 402 -41.29 2.86 25.59
CA ILE A 402 -41.87 4.17 25.92
C ILE A 402 -42.47 4.86 24.69
N ARG A 403 -43.38 5.79 24.94
CA ARG A 403 -43.98 6.57 23.87
C ARG A 403 -43.39 7.96 24.12
N SER A 404 -42.48 8.37 23.23
CA SER A 404 -41.76 9.64 23.34
C SER A 404 -42.60 10.87 23.55
N GLY A 405 -43.85 10.84 23.10
CA GLY A 405 -44.71 11.98 23.29
C GLY A 405 -44.88 12.39 24.75
N GLN A 406 -45.09 11.40 25.63
CA GLN A 406 -45.30 11.62 27.06
C GLN A 406 -44.27 12.47 27.82
N PHE A 407 -43.19 12.85 27.15
CA PHE A 407 -42.15 13.67 27.75
C PHE A 407 -42.05 14.97 26.94
N ASP A 408 -42.09 16.10 27.62
CA ASP A 408 -42.00 17.36 26.90
C ASP A 408 -40.57 17.65 26.53
N GLY A 409 -39.65 17.24 27.40
CA GLY A 409 -38.24 17.45 27.12
C GLY A 409 -37.92 16.75 25.82
N LEU A 410 -38.50 15.55 25.63
CA LEU A 410 -38.26 14.75 24.43
C LEU A 410 -38.96 15.25 23.17
N VAL A 411 -39.84 16.22 23.30
CA VAL A 411 -40.54 16.78 22.14
C VAL A 411 -39.61 17.81 21.45
N GLU A 412 -38.89 18.57 22.28
CA GLU A 412 -37.95 19.57 21.79
C GLU A 412 -36.70 18.89 21.26
N LEU A 413 -36.10 18.03 22.07
CA LEU A 413 -34.90 17.32 21.65
C LEU A 413 -35.16 16.76 20.27
N ALA A 414 -36.41 16.42 19.97
CA ALA A 414 -36.71 15.86 18.66
C ALA A 414 -36.79 16.90 17.54
N THR A 415 -37.03 18.16 17.87
CA THR A 415 -37.11 19.16 16.82
C THR A 415 -35.71 19.69 16.54
N ILE A 416 -34.98 20.00 17.61
CA ILE A 416 -33.62 20.46 17.47
C ILE A 416 -32.92 19.43 16.54
N CYS A 417 -33.34 18.18 16.61
CA CYS A 417 -32.72 17.15 15.78
C CYS A 417 -33.12 17.16 14.34
N ALA A 418 -34.37 17.49 14.09
CA ALA A 418 -34.86 17.49 12.72
C ALA A 418 -34.69 18.86 12.03
N LEU A 419 -34.54 19.92 12.81
CA LEU A 419 -34.39 21.28 12.26
C LEU A 419 -32.92 21.68 12.07
N CYS A 420 -32.12 21.42 13.09
CA CYS A 420 -30.68 21.69 13.07
C CYS A 420 -30.08 20.42 12.48
N ASN A 421 -30.15 20.30 11.16
CA ASN A 421 -29.67 19.10 10.48
C ASN A 421 -29.84 19.28 8.98
N ASP A 422 -28.74 19.30 8.24
CA ASP A 422 -28.81 19.48 6.80
C ASP A 422 -28.95 18.15 6.06
N SER A 423 -28.91 17.04 6.79
CA SER A 423 -29.02 15.72 6.16
C SER A 423 -30.37 15.01 6.34
N SER A 424 -30.66 14.06 5.44
CA SER A 424 -31.90 13.29 5.50
C SER A 424 -31.74 11.81 5.07
N LEU A 425 -32.87 11.10 4.97
CA LEU A 425 -32.90 9.69 4.58
C LEU A 425 -33.48 9.48 3.18
N ASP A 426 -33.35 8.26 2.70
CA ASP A 426 -33.86 7.89 1.38
C ASP A 426 -33.90 6.38 1.23
N PHE A 427 -35.07 5.86 0.86
CA PHE A 427 -35.26 4.45 0.66
C PHE A 427 -35.30 4.17 -0.84
N ASN A 428 -34.49 3.21 -1.27
CA ASN A 428 -34.42 2.85 -2.67
C ASN A 428 -34.99 1.44 -2.89
N GLU A 429 -35.37 1.14 -4.13
CA GLU A 429 -35.94 -0.16 -4.46
C GLU A 429 -34.86 -1.12 -4.92
N THR A 430 -33.85 -0.57 -5.57
CA THR A 430 -32.73 -1.36 -6.07
C THR A 430 -32.22 -2.39 -5.05
N LYS A 431 -31.84 -1.91 -3.86
CA LYS A 431 -31.32 -2.79 -2.82
C LYS A 431 -32.23 -2.88 -1.61
N GLY A 432 -33.37 -2.20 -1.68
CA GLY A 432 -34.34 -2.22 -0.59
C GLY A 432 -33.80 -1.88 0.80
N VAL A 433 -32.92 -0.89 0.87
CA VAL A 433 -32.35 -0.49 2.14
C VAL A 433 -32.52 0.99 2.32
N TYR A 434 -32.44 1.43 3.57
CA TYR A 434 -32.55 2.84 3.88
C TYR A 434 -31.15 3.44 3.75
N GLU A 435 -30.98 4.38 2.81
CA GLU A 435 -29.67 4.97 2.55
C GLU A 435 -29.40 6.40 3.00
N LYS A 436 -28.44 6.52 3.91
CA LYS A 436 -28.00 7.81 4.43
C LYS A 436 -27.77 8.77 3.27
N VAL A 437 -28.44 9.92 3.31
CA VAL A 437 -28.26 10.89 2.24
C VAL A 437 -27.12 11.85 2.58
N GLY A 438 -27.38 12.75 3.53
CA GLY A 438 -26.37 13.72 3.92
C GLY A 438 -25.22 13.12 4.71
N GLU A 439 -24.84 13.76 5.81
CA GLU A 439 -23.75 13.27 6.63
C GLU A 439 -24.16 12.10 7.52
N ALA A 440 -23.14 11.35 7.97
CA ALA A 440 -23.32 10.16 8.81
C ALA A 440 -23.84 10.44 10.21
N THR A 441 -23.34 11.49 10.85
CA THR A 441 -23.80 11.75 12.19
C THR A 441 -25.02 12.66 12.18
N GLU A 442 -25.37 13.16 11.01
CA GLU A 442 -26.55 13.99 10.90
C GLU A 442 -27.69 13.08 10.48
N THR A 443 -27.45 12.24 9.49
CA THR A 443 -28.47 11.33 9.03
C THR A 443 -28.89 10.43 10.20
N ALA A 444 -27.98 10.22 11.15
CA ALA A 444 -28.30 9.39 12.30
C ALA A 444 -29.30 10.10 13.21
N LEU A 445 -29.36 11.43 13.11
CA LEU A 445 -30.28 12.24 13.93
C LEU A 445 -31.68 12.26 13.33
N THR A 446 -31.77 12.33 12.02
CA THR A 446 -33.09 12.33 11.40
C THR A 446 -33.67 10.95 11.68
N THR A 447 -32.81 9.92 11.67
CA THR A 447 -33.24 8.55 11.94
C THR A 447 -33.74 8.40 13.38
N LEU A 448 -33.12 9.13 14.30
CA LEU A 448 -33.51 9.09 15.71
C LEU A 448 -34.93 9.60 15.80
N VAL A 449 -35.19 10.69 15.10
CA VAL A 449 -36.49 11.33 15.07
C VAL A 449 -37.59 10.36 14.65
N GLU A 450 -37.38 9.65 13.54
CA GLU A 450 -38.37 8.70 13.08
C GLU A 450 -38.70 7.61 14.08
N LYS A 451 -37.74 7.26 14.93
CA LYS A 451 -37.97 6.20 15.90
C LYS A 451 -38.68 6.64 17.17
N MET A 452 -38.92 7.93 17.32
CA MET A 452 -39.58 8.41 18.52
C MET A 452 -40.65 9.45 18.22
N ASN A 453 -41.42 9.26 17.14
CA ASN A 453 -42.45 10.22 16.76
C ASN A 453 -43.21 10.79 17.96
N VAL A 454 -42.69 11.90 18.45
CA VAL A 454 -43.25 12.57 19.62
C VAL A 454 -44.72 12.92 19.44
N PHE A 455 -45.14 13.13 18.20
CA PHE A 455 -46.52 13.48 17.91
C PHE A 455 -47.40 12.24 17.67
N ASN A 456 -46.75 11.07 17.68
CA ASN A 456 -47.46 9.81 17.49
C ASN A 456 -48.20 9.77 16.16
N THR A 457 -47.78 10.63 15.24
CA THR A 457 -48.42 10.72 13.93
C THR A 457 -48.46 9.34 13.27
N GLU A 458 -49.61 8.98 12.69
CA GLU A 458 -49.78 7.69 12.03
C GLU A 458 -48.75 7.46 10.94
N VAL A 459 -48.21 6.25 10.89
CA VAL A 459 -47.21 5.99 9.88
C VAL A 459 -47.16 4.55 9.30
N ARG A 460 -47.63 3.57 10.06
CA ARG A 460 -47.64 2.17 9.57
C ARG A 460 -48.48 2.04 8.30
N ASN A 461 -49.29 3.06 8.03
CA ASN A 461 -50.17 3.11 6.88
C ASN A 461 -49.50 3.81 5.68
N LEU A 462 -48.18 3.63 5.58
CA LEU A 462 -47.41 4.25 4.50
C LEU A 462 -46.38 3.30 3.92
N SER A 463 -45.91 3.63 2.72
CA SER A 463 -44.91 2.82 2.01
C SER A 463 -43.56 2.91 2.71
N LYS A 464 -42.55 2.32 2.10
CA LYS A 464 -41.24 2.37 2.71
C LYS A 464 -40.42 3.53 2.19
N VAL A 465 -40.65 3.92 0.93
CA VAL A 465 -39.93 5.05 0.37
C VAL A 465 -40.29 6.30 1.17
N GLU A 466 -41.58 6.44 1.45
CA GLU A 466 -42.09 7.59 2.18
C GLU A 466 -41.75 7.51 3.68
N ARG A 467 -42.03 6.35 4.29
CA ARG A 467 -41.75 6.15 5.72
C ARG A 467 -40.45 6.82 6.15
N ALA A 468 -39.53 6.96 5.20
CA ALA A 468 -38.22 7.55 5.45
C ALA A 468 -38.21 8.88 6.19
N ASN A 469 -38.83 9.89 5.59
CA ASN A 469 -38.84 11.23 6.19
C ASN A 469 -40.22 11.64 6.62
N ALA A 470 -40.90 10.75 7.34
CA ALA A 470 -42.26 11.02 7.80
C ALA A 470 -42.36 11.92 9.02
N CYS A 471 -41.87 11.46 10.17
CA CYS A 471 -41.93 12.25 11.41
C CYS A 471 -41.08 13.49 11.35
N ASN A 472 -40.13 13.51 10.43
CA ASN A 472 -39.23 14.65 10.27
C ASN A 472 -39.89 15.83 9.57
N SER A 473 -40.60 15.57 8.48
CA SER A 473 -41.27 16.63 7.74
C SER A 473 -42.48 17.20 8.49
N VAL A 474 -42.94 16.52 9.54
CA VAL A 474 -44.07 17.03 10.30
C VAL A 474 -43.52 18.12 11.21
N ILE A 475 -42.28 17.94 11.65
CA ILE A 475 -41.62 18.93 12.51
C ILE A 475 -41.09 20.05 11.64
N ARG A 476 -40.90 19.75 10.36
CA ARG A 476 -40.40 20.73 9.42
C ARG A 476 -41.52 21.71 9.06
N GLN A 477 -42.76 21.28 9.30
CA GLN A 477 -43.91 22.11 8.98
C GLN A 477 -44.45 22.88 10.18
N LEU A 478 -43.89 22.61 11.34
CA LEU A 478 -44.29 23.29 12.56
C LEU A 478 -43.40 24.53 12.77
N MET A 479 -42.16 24.46 12.30
CA MET A 479 -41.21 25.58 12.40
C MET A 479 -40.69 25.96 11.03
N LYS A 480 -40.49 27.25 10.81
CA LYS A 480 -39.98 27.72 9.54
C LYS A 480 -38.49 28.03 9.69
N LYS A 481 -37.64 27.29 8.98
CA LYS A 481 -36.21 27.51 9.07
C LYS A 481 -35.79 28.77 8.34
N GLU A 482 -35.49 29.83 9.08
CA GLU A 482 -35.04 31.08 8.46
C GLU A 482 -33.70 30.85 7.79
N PHE A 483 -32.63 30.88 8.58
CA PHE A 483 -31.30 30.65 8.06
C PHE A 483 -30.58 29.70 9.00
N THR A 484 -29.28 29.52 8.81
CA THR A 484 -28.52 28.60 9.65
C THR A 484 -27.08 28.99 9.79
N LEU A 485 -26.56 28.94 11.00
CA LEU A 485 -25.17 29.26 11.27
C LEU A 485 -24.37 27.96 11.19
N GLU A 486 -23.68 27.77 10.08
CA GLU A 486 -22.92 26.56 9.84
C GLU A 486 -21.86 26.22 10.86
N PHE A 487 -21.50 24.94 10.87
CA PHE A 487 -20.50 24.40 11.77
C PHE A 487 -19.14 24.94 11.44
N SER A 488 -18.36 25.20 12.48
CA SER A 488 -17.02 25.70 12.31
C SER A 488 -16.31 25.16 13.53
N ARG A 489 -15.08 24.68 13.32
CA ARG A 489 -14.30 24.09 14.40
C ARG A 489 -13.91 25.05 15.49
N ASP A 490 -14.10 26.35 15.26
CA ASP A 490 -13.76 27.33 16.29
C ASP A 490 -14.67 27.08 17.51
N ARG A 491 -15.99 27.21 17.29
CA ARG A 491 -16.98 27.04 18.35
C ARG A 491 -17.51 25.60 18.46
N LYS A 492 -17.21 24.77 17.48
CA LYS A 492 -17.62 23.38 17.48
C LYS A 492 -19.12 23.20 17.64
N SER A 493 -19.89 23.93 16.84
CA SER A 493 -21.34 23.81 16.93
C SER A 493 -21.99 24.54 15.76
N MET A 494 -23.29 24.36 15.62
CA MET A 494 -24.05 25.01 14.55
C MET A 494 -25.43 25.34 15.10
N SER A 495 -26.19 26.13 14.37
CA SER A 495 -27.53 26.49 14.81
C SER A 495 -28.39 26.81 13.62
N VAL A 496 -29.64 27.17 13.89
CA VAL A 496 -30.57 27.54 12.85
C VAL A 496 -31.54 28.53 13.47
N TYR A 497 -31.96 29.51 12.70
CA TYR A 497 -32.90 30.50 13.18
C TYR A 497 -34.27 30.04 12.66
N CYS A 498 -35.25 29.87 13.54
CA CYS A 498 -36.56 29.41 13.11
C CYS A 498 -37.70 30.22 13.70
N SER A 499 -38.56 30.72 12.82
CA SER A 499 -39.75 31.46 13.24
C SER A 499 -40.85 30.42 13.05
N PRO A 500 -42.05 30.65 13.63
CA PRO A 500 -43.18 29.72 13.55
C PRO A 500 -43.85 29.56 12.17
N ALA A 501 -44.94 28.82 12.15
CA ALA A 501 -45.72 28.60 10.94
C ALA A 501 -47.18 28.83 11.30
N LYS A 502 -47.69 30.01 10.95
CA LYS A 502 -49.06 30.43 11.21
C LYS A 502 -49.23 30.94 12.66
N SER A 503 -50.47 31.15 13.09
CA SER A 503 -50.72 31.62 14.45
C SER A 503 -50.85 30.44 15.41
N SER A 504 -50.84 29.23 14.84
CA SER A 504 -50.93 28.00 15.62
C SER A 504 -49.64 27.73 16.39
N ARG A 505 -48.60 28.52 16.10
CA ARG A 505 -47.31 28.38 16.77
C ARG A 505 -46.73 29.76 17.00
N ALA A 506 -47.59 30.77 17.02
CA ALA A 506 -47.16 32.14 17.21
C ALA A 506 -46.32 32.36 18.47
N ALA A 507 -46.87 32.01 19.62
CA ALA A 507 -46.20 32.18 20.91
C ALA A 507 -44.67 32.08 20.86
N VAL A 508 -44.01 33.06 21.49
CA VAL A 508 -42.54 33.14 21.52
C VAL A 508 -41.92 32.52 20.28
N GLY A 509 -42.45 32.96 19.14
CA GLY A 509 -42.04 32.48 17.84
C GLY A 509 -40.57 32.28 17.57
N ASN A 510 -39.89 33.34 17.12
CA ASN A 510 -38.48 33.21 16.79
C ASN A 510 -37.63 32.49 17.84
N LYS A 511 -37.06 31.36 17.41
CA LYS A 511 -36.22 30.50 18.25
C LYS A 511 -34.95 30.15 17.51
N MET A 512 -33.93 29.81 18.28
CA MET A 512 -32.64 29.43 17.72
C MET A 512 -32.23 28.04 18.26
N PHE A 513 -32.20 27.04 17.38
CA PHE A 513 -31.83 25.67 17.80
C PHE A 513 -30.40 25.29 17.49
N VAL A 514 -29.59 25.15 18.54
CA VAL A 514 -28.18 24.81 18.40
C VAL A 514 -27.74 23.43 18.93
N LYS A 515 -26.89 22.74 18.16
CA LYS A 515 -26.35 21.43 18.52
C LYS A 515 -24.81 21.39 18.31
N GLY A 516 -24.06 20.95 19.31
CA GLY A 516 -22.62 20.89 19.16
C GLY A 516 -21.94 20.05 20.21
N ALA A 517 -20.61 20.14 20.32
CA ALA A 517 -19.89 19.38 21.32
C ALA A 517 -20.39 19.88 22.66
N PRO A 518 -20.49 19.00 23.66
CA PRO A 518 -20.98 19.28 25.02
C PRO A 518 -20.20 20.36 25.81
N GLU A 519 -18.89 20.22 25.94
CA GLU A 519 -18.12 21.23 26.65
C GLU A 519 -18.47 22.57 26.02
N GLY A 520 -18.36 22.63 24.69
CA GLY A 520 -18.68 23.85 23.96
C GLY A 520 -20.02 24.49 24.34
N VAL A 521 -21.12 23.96 23.82
CA VAL A 521 -22.42 24.54 24.10
C VAL A 521 -22.80 24.61 25.59
N ILE A 522 -22.37 23.68 26.44
CA ILE A 522 -22.78 23.79 27.84
C ILE A 522 -22.19 25.00 28.58
N ASP A 523 -21.09 25.56 28.09
CA ASP A 523 -20.51 26.73 28.74
C ASP A 523 -21.39 27.93 28.46
N ARG A 524 -22.06 27.87 27.31
CA ARG A 524 -22.94 28.93 26.85
C ARG A 524 -24.41 28.75 27.28
N CYS A 525 -24.63 27.96 28.33
CA CYS A 525 -25.98 27.73 28.80
C CYS A 525 -26.24 28.43 30.12
N ASN A 526 -27.16 29.37 30.10
CA ASN A 526 -27.51 30.10 31.29
C ASN A 526 -28.71 29.48 31.97
N TYR A 527 -29.36 28.57 31.27
CA TYR A 527 -30.55 27.89 31.79
C TYR A 527 -30.65 26.43 31.37
N VAL A 528 -31.48 25.65 32.07
CA VAL A 528 -31.72 24.26 31.69
C VAL A 528 -33.22 24.16 31.49
N ARG A 529 -33.70 23.23 30.67
CA ARG A 529 -35.13 23.11 30.46
C ARG A 529 -35.65 21.81 31.03
N VAL A 530 -36.48 21.92 32.06
CA VAL A 530 -37.07 20.74 32.67
C VAL A 530 -38.51 20.62 32.19
N GLY A 531 -38.67 20.05 31.01
CA GLY A 531 -40.00 19.84 30.48
C GLY A 531 -40.52 20.87 29.49
N THR A 532 -41.23 21.85 30.05
CA THR A 532 -41.80 22.94 29.27
C THR A 532 -41.40 24.20 30.02
N THR A 533 -40.89 23.98 31.22
CA THR A 533 -40.47 25.07 32.10
C THR A 533 -38.97 25.35 31.97
N ARG A 534 -38.42 26.15 32.87
CA ARG A 534 -37.00 26.49 32.79
C ARG A 534 -36.37 26.92 34.11
N VAL A 535 -35.06 26.70 34.24
CA VAL A 535 -34.35 27.03 35.47
C VAL A 535 -32.98 27.56 35.12
N PRO A 536 -32.30 28.17 36.09
CA PRO A 536 -30.97 28.67 35.74
C PRO A 536 -29.93 27.57 35.95
N MET A 537 -29.01 27.45 35.00
CA MET A 537 -27.94 26.48 35.08
C MET A 537 -27.26 26.78 36.41
N THR A 538 -27.10 25.75 37.23
CA THR A 538 -26.46 25.89 38.53
C THR A 538 -25.34 24.88 38.66
N GLY A 539 -24.35 25.18 39.50
CA GLY A 539 -23.22 24.31 39.71
C GLY A 539 -23.58 22.82 39.69
N PRO A 540 -24.40 22.36 40.65
CA PRO A 540 -24.82 20.95 40.73
C PRO A 540 -25.42 20.36 39.45
N VAL A 541 -26.35 21.05 38.81
CA VAL A 541 -26.95 20.53 37.58
C VAL A 541 -25.92 20.35 36.49
N LYS A 542 -24.95 21.25 36.43
CA LYS A 542 -23.92 21.19 35.41
C LYS A 542 -22.95 20.03 35.59
N GLU A 543 -22.55 19.75 36.82
CA GLU A 543 -21.64 18.64 37.06
C GLU A 543 -22.32 17.29 36.84
N LYS A 544 -23.63 17.25 37.06
CA LYS A 544 -24.43 16.03 36.87
C LYS A 544 -24.58 15.74 35.38
N ILE A 545 -24.49 16.78 34.56
CA ILE A 545 -24.61 16.65 33.11
C ILE A 545 -23.27 16.24 32.47
N LEU A 546 -22.19 16.88 32.91
CA LEU A 546 -20.86 16.61 32.38
C LEU A 546 -20.32 15.23 32.71
N SER A 547 -20.75 14.68 33.86
CA SER A 547 -20.33 13.35 34.29
C SER A 547 -20.92 12.30 33.37
N VAL A 548 -22.22 12.36 33.17
CA VAL A 548 -22.91 11.42 32.31
C VAL A 548 -22.29 11.50 30.93
N ILE A 549 -21.82 12.68 30.55
CA ILE A 549 -21.18 12.88 29.25
C ILE A 549 -19.83 12.16 29.24
N LYS A 550 -19.17 12.10 30.39
CA LYS A 550 -17.88 11.43 30.46
C LYS A 550 -18.06 9.91 30.42
N GLU A 551 -18.98 9.38 31.21
CA GLU A 551 -19.22 7.95 31.23
C GLU A 551 -19.56 7.46 29.82
N TRP A 552 -20.50 8.13 29.17
CA TRP A 552 -20.93 7.77 27.84
C TRP A 552 -19.84 7.78 26.79
N GLY A 553 -18.98 8.79 26.83
CA GLY A 553 -17.91 8.90 25.85
C GLY A 553 -16.57 8.30 26.23
N THR A 554 -16.40 7.91 27.49
CA THR A 554 -15.15 7.33 27.97
C THR A 554 -15.39 5.90 28.46
N GLY A 555 -16.64 5.61 28.81
CA GLY A 555 -17.02 4.28 29.26
C GLY A 555 -17.06 3.27 28.12
N ARG A 556 -17.22 2.00 28.48
CA ARG A 556 -17.28 0.91 27.52
C ARG A 556 -18.19 1.22 26.35
N ASP A 557 -18.97 2.28 26.47
CA ASP A 557 -19.87 2.66 25.40
C ASP A 557 -19.09 3.32 24.26
N THR A 558 -18.14 4.18 24.62
CA THR A 558 -17.36 4.92 23.63
C THR A 558 -18.34 5.55 22.63
N LEU A 559 -19.28 6.32 23.20
CA LEU A 559 -20.32 7.02 22.45
C LEU A 559 -19.90 8.44 22.14
N ARG A 560 -20.22 8.93 20.95
CA ARG A 560 -19.87 10.30 20.59
C ARG A 560 -21.03 11.17 21.05
N CYS A 561 -20.79 12.11 21.95
CA CYS A 561 -21.86 12.94 22.47
C CYS A 561 -22.13 14.28 21.81
N LEU A 562 -23.42 14.54 21.59
CA LEU A 562 -23.90 15.77 21.00
C LEU A 562 -24.75 16.46 22.05
N ALA A 563 -24.59 17.76 22.26
CA ALA A 563 -25.46 18.46 23.20
C ALA A 563 -26.41 19.34 22.38
N LEU A 564 -27.71 19.26 22.64
CA LEU A 564 -28.69 20.08 21.93
C LEU A 564 -29.25 21.13 22.88
N ALA A 565 -29.43 22.35 22.38
CA ALA A 565 -29.93 23.46 23.18
C ALA A 565 -30.76 24.42 22.32
N THR A 566 -31.36 25.42 22.95
CA THR A 566 -32.12 26.40 22.20
C THR A 566 -31.90 27.77 22.80
N ARG A 567 -31.93 28.79 21.96
CA ARG A 567 -31.81 30.14 22.47
C ARG A 567 -33.23 30.67 22.41
N ASP A 568 -33.89 30.62 23.57
CA ASP A 568 -35.27 31.05 23.72
C ASP A 568 -35.55 32.40 23.09
N THR A 569 -34.87 33.44 23.55
CA THR A 569 -35.08 34.76 22.96
C THR A 569 -33.79 35.13 22.22
N PRO A 570 -33.77 34.87 20.90
CA PRO A 570 -32.62 35.15 20.04
C PRO A 570 -32.49 36.63 19.76
N PRO A 571 -31.37 37.04 19.13
CA PRO A 571 -31.21 38.45 18.82
C PRO A 571 -32.18 38.78 17.70
N LYS A 572 -32.45 40.07 17.51
CA LYS A 572 -33.36 40.49 16.47
C LYS A 572 -32.73 40.05 15.16
N ARG A 573 -33.55 39.54 14.24
CA ARG A 573 -32.99 39.09 12.98
C ARG A 573 -32.08 40.15 12.34
N GLU A 574 -32.56 41.38 12.27
CA GLU A 574 -31.79 42.46 11.65
C GLU A 574 -30.47 42.74 12.33
N GLU A 575 -30.35 42.38 13.60
CA GLU A 575 -29.11 42.63 14.33
C GLU A 575 -28.07 41.54 14.12
N MET A 576 -28.28 40.69 13.14
CA MET A 576 -27.34 39.61 12.88
C MET A 576 -26.64 39.66 11.54
N VAL A 577 -25.32 39.49 11.57
CA VAL A 577 -24.50 39.49 10.36
C VAL A 577 -24.32 38.04 9.94
N LEU A 578 -25.22 37.58 9.08
CA LEU A 578 -25.27 36.21 8.61
C LEU A 578 -24.18 35.84 7.60
N ASP A 579 -23.03 36.51 7.66
CA ASP A 579 -21.95 36.18 6.72
C ASP A 579 -20.53 36.39 7.24
N ASP A 580 -20.30 36.03 8.50
CA ASP A 580 -18.99 36.11 9.13
C ASP A 580 -18.99 35.24 10.40
N SER A 581 -18.76 33.94 10.18
CA SER A 581 -18.74 32.96 11.26
C SER A 581 -18.02 33.36 12.54
N SER A 582 -17.21 34.40 12.47
CA SER A 582 -16.48 34.83 13.65
C SER A 582 -17.51 35.24 14.70
N ARG A 583 -18.51 36.01 14.28
CA ARG A 583 -19.57 36.47 15.18
C ARG A 583 -20.59 35.38 15.54
N PHE A 584 -20.57 34.27 14.82
CA PHE A 584 -21.52 33.18 15.05
C PHE A 584 -21.57 32.61 16.46
N MET A 585 -20.49 32.71 17.22
CA MET A 585 -20.49 32.16 18.57
C MET A 585 -21.16 33.11 19.55
N GLU A 586 -21.33 34.35 19.13
CA GLU A 586 -21.99 35.35 19.95
C GLU A 586 -23.51 35.16 19.89
N TYR A 587 -24.00 34.81 18.72
CA TYR A 587 -25.43 34.59 18.55
C TYR A 587 -25.90 33.29 19.21
N GLU A 588 -24.99 32.33 19.38
CA GLU A 588 -25.36 31.08 20.04
C GLU A 588 -25.01 31.16 21.52
N THR A 589 -25.49 32.17 22.23
CA THR A 589 -25.20 32.24 23.65
C THR A 589 -26.48 32.47 24.44
N ASP A 590 -26.37 32.40 25.77
CA ASP A 590 -27.51 32.58 26.67
C ASP A 590 -28.50 31.50 26.25
N LEU A 591 -28.03 30.27 26.30
CA LEU A 591 -28.82 29.13 25.88
C LEU A 591 -29.46 28.43 27.05
N THR A 592 -30.38 27.53 26.72
CA THR A 592 -31.01 26.70 27.73
C THR A 592 -30.74 25.29 27.23
N PHE A 593 -29.99 24.54 28.04
CA PHE A 593 -29.64 23.17 27.71
C PHE A 593 -30.92 22.39 27.49
N VAL A 594 -30.99 21.53 26.48
CA VAL A 594 -32.23 20.77 26.28
C VAL A 594 -32.06 19.28 26.51
N GLY A 595 -30.89 18.76 26.16
CA GLY A 595 -30.61 17.37 26.34
C GLY A 595 -29.42 17.01 25.47
N VAL A 596 -28.86 15.82 25.65
CA VAL A 596 -27.75 15.39 24.83
C VAL A 596 -28.16 14.08 24.16
N VAL A 597 -27.56 13.79 23.00
CA VAL A 597 -27.82 12.61 22.20
C VAL A 597 -26.48 11.89 22.02
N GLY A 598 -26.40 10.64 22.47
CA GLY A 598 -25.16 9.87 22.35
C GLY A 598 -25.26 8.81 21.29
N MET A 599 -24.41 8.89 20.28
CA MET A 599 -24.44 7.94 19.17
C MET A 599 -23.21 7.07 19.02
N LEU A 600 -23.35 6.01 18.22
CA LEU A 600 -22.28 5.04 18.03
C LEU A 600 -21.91 4.67 16.60
N ASP A 601 -20.60 4.56 16.38
CA ASP A 601 -20.00 4.12 15.10
C ASP A 601 -19.49 2.72 15.45
N PRO A 602 -20.28 1.69 15.16
CA PRO A 602 -19.90 0.29 15.45
C PRO A 602 -18.63 -0.10 14.70
N PRO A 603 -17.64 -0.68 15.40
CA PRO A 603 -16.39 -1.09 14.76
C PRO A 603 -16.57 -2.39 14.00
N ARG A 604 -16.07 -2.46 12.77
CA ARG A 604 -16.21 -3.67 11.97
C ARG A 604 -15.87 -4.85 12.90
N LYS A 605 -16.73 -5.88 12.89
CA LYS A 605 -16.55 -7.06 13.75
C LYS A 605 -15.21 -7.80 13.62
N GLU A 606 -14.85 -8.20 12.39
CA GLU A 606 -13.60 -8.91 12.16
C GLU A 606 -12.38 -8.08 12.58
N VAL A 607 -12.56 -6.80 12.89
CA VAL A 607 -11.44 -5.94 13.27
C VAL A 607 -10.90 -6.31 14.64
N MET A 608 -11.81 -6.68 15.52
CA MET A 608 -11.43 -7.05 16.86
C MET A 608 -10.57 -8.27 16.92
N GLY A 609 -10.71 -9.11 15.91
CA GLY A 609 -9.90 -10.33 15.84
C GLY A 609 -8.55 -10.02 15.17
N SER A 610 -8.58 -9.16 14.15
CA SER A 610 -7.39 -8.76 13.39
C SER A 610 -6.36 -8.09 14.28
N ILE A 611 -6.83 -7.25 15.18
CA ILE A 611 -5.94 -6.59 16.09
C ILE A 611 -5.26 -7.67 16.92
N GLN A 612 -6.01 -8.69 17.33
CA GLN A 612 -5.43 -9.77 18.15
C GLN A 612 -4.31 -10.55 17.45
N LEU A 613 -4.51 -10.88 16.17
CA LEU A 613 -3.53 -11.59 15.37
C LEU A 613 -2.21 -10.83 15.29
N CYS A 614 -2.31 -9.50 15.23
CA CYS A 614 -1.13 -8.63 15.13
C CYS A 614 -0.38 -8.67 16.43
N ARG A 615 -1.11 -8.86 17.51
CA ARG A 615 -0.44 -8.93 18.78
C ARG A 615 0.44 -10.18 18.70
N ASP A 616 -0.12 -11.29 18.21
CA ASP A 616 0.61 -12.55 18.08
C ASP A 616 1.73 -12.52 17.06
N ALA A 617 1.46 -11.87 15.94
CA ALA A 617 2.43 -11.77 14.87
C ALA A 617 3.50 -10.76 15.24
N GLY A 618 3.36 -10.12 16.38
CA GLY A 618 4.34 -9.14 16.82
C GLY A 618 4.37 -7.81 16.09
N ILE A 619 3.24 -7.46 15.47
CA ILE A 619 3.11 -6.21 14.71
C ILE A 619 2.41 -5.15 15.55
N ARG A 620 2.96 -3.93 15.56
CA ARG A 620 2.38 -2.82 16.33
C ARG A 620 1.34 -2.09 15.50
N VAL A 621 0.16 -1.85 16.09
CA VAL A 621 -0.89 -1.14 15.38
C VAL A 621 -1.16 0.23 15.97
N ILE A 622 -1.06 1.25 15.12
CA ILE A 622 -1.30 2.60 15.54
C ILE A 622 -2.61 3.14 14.97
N MET A 623 -3.47 3.65 15.84
CA MET A 623 -4.74 4.21 15.40
C MET A 623 -4.60 5.70 15.20
N ILE A 624 -4.99 6.20 14.04
CA ILE A 624 -4.92 7.63 13.74
C ILE A 624 -6.34 8.13 13.50
N THR A 625 -6.84 8.93 14.45
CA THR A 625 -8.22 9.44 14.40
C THR A 625 -8.38 10.98 14.48
N GLY A 626 -9.60 11.40 14.82
CA GLY A 626 -9.90 12.81 14.94
C GLY A 626 -10.52 13.03 16.30
N ASP A 627 -11.06 11.96 16.87
CA ASP A 627 -11.69 12.03 18.17
C ASP A 627 -10.84 12.72 19.17
N ASN A 628 -11.48 13.37 20.14
CA ASN A 628 -10.73 14.02 21.19
C ASN A 628 -9.88 12.87 21.72
N LYS A 629 -8.87 13.17 22.52
CA LYS A 629 -8.03 12.13 23.06
C LYS A 629 -8.75 11.22 24.07
N GLY A 630 -9.82 11.72 24.71
CA GLY A 630 -10.55 10.93 25.69
C GLY A 630 -11.26 9.70 25.17
N THR A 631 -11.92 9.81 24.02
CA THR A 631 -12.65 8.68 23.44
C THR A 631 -11.77 7.98 22.41
N ALA A 632 -10.77 8.69 21.89
CA ALA A 632 -9.87 8.08 20.94
C ALA A 632 -9.31 6.93 21.74
N ILE A 633 -8.84 7.21 22.95
CA ILE A 633 -8.27 6.18 23.82
C ILE A 633 -9.25 5.05 24.11
N ALA A 634 -10.47 5.42 24.50
CA ALA A 634 -11.56 4.49 24.83
C ALA A 634 -11.80 3.50 23.70
N ILE A 635 -11.71 3.99 22.47
CA ILE A 635 -11.93 3.16 21.29
C ILE A 635 -10.82 2.12 21.15
N CYS A 636 -9.62 2.50 21.55
CA CYS A 636 -8.47 1.62 21.52
C CYS A 636 -8.73 0.47 22.49
N ARG A 637 -9.25 0.80 23.67
CA ARG A 637 -9.52 -0.21 24.67
C ARG A 637 -10.61 -1.15 24.23
N ARG A 638 -11.55 -0.63 23.47
CA ARG A 638 -12.63 -1.47 23.02
C ARG A 638 -12.18 -2.44 21.95
N ILE A 639 -11.26 -2.03 21.10
CA ILE A 639 -10.83 -2.94 20.05
C ILE A 639 -9.63 -3.79 20.42
N GLY A 640 -8.79 -3.30 21.34
CA GLY A 640 -7.65 -4.09 21.74
C GLY A 640 -6.31 -3.42 21.64
N ILE A 641 -6.25 -2.25 21.03
CA ILE A 641 -4.98 -1.58 20.93
C ILE A 641 -4.47 -1.29 22.37
N PHE A 642 -5.41 -1.04 23.30
CA PHE A 642 -5.06 -0.82 24.72
C PHE A 642 -5.87 -1.77 25.60
N GLY A 643 -5.34 -2.04 26.79
CA GLY A 643 -6.02 -2.92 27.72
C GLY A 643 -7.09 -2.16 28.48
N GLU A 644 -8.19 -2.81 28.80
CA GLU A 644 -9.25 -2.11 29.51
C GLU A 644 -8.65 -1.34 30.68
N ASN A 645 -7.78 -2.01 31.45
CA ASN A 645 -7.15 -1.35 32.60
C ASN A 645 -5.75 -0.81 32.30
N GLU A 646 -5.23 -1.13 31.13
CA GLU A 646 -3.88 -0.68 30.74
C GLU A 646 -3.67 0.82 30.80
N GLU A 647 -2.49 1.22 31.27
CA GLU A 647 -2.14 2.64 31.37
C GLU A 647 -1.85 3.15 29.97
N VAL A 648 -2.17 4.40 29.70
CA VAL A 648 -1.97 4.94 28.36
C VAL A 648 -1.37 6.35 28.36
N ALA A 649 -0.83 6.76 29.50
CA ALA A 649 -0.25 8.08 29.59
C ALA A 649 0.77 8.37 28.49
N ASP A 650 1.77 7.50 28.33
CA ASP A 650 2.78 7.75 27.31
C ASP A 650 2.60 7.01 25.99
N ARG A 651 1.44 6.44 25.77
CA ARG A 651 1.23 5.70 24.54
C ARG A 651 0.13 6.29 23.67
N ALA A 652 -0.38 7.45 24.06
CA ALA A 652 -1.44 8.12 23.29
C ALA A 652 -1.31 9.63 23.33
N TYR A 653 -0.96 10.22 22.21
CA TYR A 653 -0.78 11.66 22.11
C TYR A 653 -1.79 12.30 21.17
N THR A 654 -1.87 13.61 21.23
CA THR A 654 -2.79 14.34 20.37
C THR A 654 -1.87 15.09 19.43
N GLY A 655 -2.39 15.55 18.30
CA GLY A 655 -1.56 16.27 17.36
C GLY A 655 -0.85 17.46 17.98
N ARG A 656 -1.52 18.13 18.91
CA ARG A 656 -0.97 19.29 19.58
C ARG A 656 0.13 18.96 20.59
N GLU A 657 -0.12 17.98 21.46
CA GLU A 657 0.85 17.55 22.48
C GLU A 657 2.15 17.11 21.85
N PHE A 658 2.01 16.47 20.69
CA PHE A 658 3.12 15.93 19.92
C PHE A 658 3.97 17.05 19.36
N ASP A 659 3.32 18.09 18.86
CA ASP A 659 4.04 19.22 18.31
C ASP A 659 4.80 19.95 19.39
N ASP A 660 4.17 20.08 20.56
CA ASP A 660 4.80 20.78 21.67
C ASP A 660 6.04 20.08 22.21
N LEU A 661 6.33 18.89 21.70
CA LEU A 661 7.49 18.13 22.15
C LEU A 661 8.72 18.46 21.34
N PRO A 662 9.89 18.40 21.97
CA PRO A 662 11.17 18.67 21.31
C PRO A 662 11.57 17.41 20.52
N LEU A 663 12.14 17.62 19.34
CA LEU A 663 12.53 16.53 18.43
C LEU A 663 13.00 15.22 19.08
N ALA A 664 13.54 15.31 20.29
CA ALA A 664 14.00 14.12 21.00
C ALA A 664 12.81 13.28 21.50
N GLU A 665 12.07 13.80 22.48
CA GLU A 665 10.90 13.09 23.04
C GLU A 665 9.85 12.76 21.97
N GLN A 666 9.85 13.56 20.91
CA GLN A 666 8.94 13.38 19.79
C GLN A 666 9.27 12.03 19.16
N ARG A 667 10.55 11.82 18.88
CA ARG A 667 11.03 10.58 18.27
C ARG A 667 10.90 9.38 19.20
N GLU A 668 10.94 9.62 20.50
CA GLU A 668 10.81 8.57 21.49
C GLU A 668 9.34 8.18 21.67
N ALA A 669 8.45 9.14 21.45
CA ALA A 669 7.03 8.87 21.58
C ALA A 669 6.61 7.92 20.47
N CYS A 670 7.23 8.03 19.31
CA CYS A 670 6.88 7.17 18.19
C CYS A 670 7.26 5.69 18.34
N ARG A 671 8.16 5.37 19.26
CA ARG A 671 8.51 3.96 19.41
C ARG A 671 7.62 3.26 20.44
N ARG A 672 6.69 4.00 21.04
CA ARG A 672 5.78 3.42 22.04
C ARG A 672 4.31 3.77 21.82
N ALA A 673 4.03 4.87 21.14
CA ALA A 673 2.67 5.33 20.86
C ALA A 673 1.86 4.29 20.11
N CYS A 674 0.55 4.33 20.30
CA CYS A 674 -0.32 3.39 19.62
C CYS A 674 -1.66 4.06 19.29
N CYS A 675 -1.69 5.38 19.36
CA CYS A 675 -2.92 6.09 19.09
C CYS A 675 -2.67 7.58 19.02
N PHE A 676 -3.02 8.21 17.90
CA PHE A 676 -2.84 9.66 17.72
C PHE A 676 -4.14 10.40 17.52
N ALA A 677 -4.51 11.14 18.57
CA ALA A 677 -5.74 11.91 18.65
C ALA A 677 -6.06 12.75 17.44
N ARG A 678 -5.69 14.02 17.44
CA ARG A 678 -6.03 14.84 16.29
C ARG A 678 -4.82 15.30 15.55
N VAL A 679 -4.54 14.61 14.46
CA VAL A 679 -3.38 14.94 13.65
C VAL A 679 -3.79 15.30 12.25
N GLU A 680 -2.89 15.96 11.53
CA GLU A 680 -3.15 16.38 10.17
C GLU A 680 -2.21 15.65 9.17
N PRO A 681 -1.93 16.26 8.00
CA PRO A 681 -1.01 15.50 7.14
C PRO A 681 0.43 15.63 7.61
N SER A 682 0.79 16.82 8.10
CA SER A 682 2.11 17.07 8.62
C SER A 682 2.53 15.86 9.42
N HIS A 683 1.76 15.56 10.46
CA HIS A 683 2.00 14.45 11.37
C HIS A 683 2.15 13.06 10.72
N LYS A 684 1.23 12.67 9.85
CA LYS A 684 1.37 11.35 9.23
C LYS A 684 2.75 11.15 8.62
N SER A 685 3.34 12.20 8.04
CA SER A 685 4.66 12.10 7.42
C SER A 685 5.83 12.10 8.40
N LYS A 686 5.71 12.79 9.53
CA LYS A 686 6.76 12.81 10.54
C LYS A 686 6.84 11.45 11.23
N ILE A 687 5.69 10.93 11.62
CA ILE A 687 5.68 9.63 12.28
C ILE A 687 6.29 8.55 11.40
N VAL A 688 6.16 8.67 10.07
CA VAL A 688 6.76 7.67 9.19
C VAL A 688 8.27 7.77 9.32
N GLU A 689 8.80 9.00 9.30
CA GLU A 689 10.24 9.21 9.40
C GLU A 689 10.83 8.72 10.71
N TYR A 690 10.08 8.87 11.79
CA TYR A 690 10.55 8.41 13.09
C TYR A 690 10.49 6.90 13.16
N LEU A 691 9.41 6.33 12.63
CA LEU A 691 9.25 4.88 12.62
C LEU A 691 10.33 4.31 11.71
N GLN A 692 10.81 5.13 10.79
CA GLN A 692 11.85 4.69 9.89
C GLN A 692 13.24 4.80 10.50
N SER A 693 13.42 5.74 11.42
CA SER A 693 14.72 5.94 12.07
C SER A 693 15.04 4.78 12.99
N TYR A 694 14.04 3.95 13.28
CA TYR A 694 14.23 2.77 14.13
C TYR A 694 14.24 1.54 13.24
N ASP A 695 14.53 1.79 11.96
CA ASP A 695 14.58 0.79 10.90
C ASP A 695 13.39 -0.14 10.90
N GLU A 696 12.20 0.46 10.96
CA GLU A 696 10.94 -0.27 10.95
C GLU A 696 10.24 -0.23 9.59
N ILE A 697 9.55 -1.32 9.27
CA ILE A 697 8.79 -1.46 8.02
C ILE A 697 7.36 -1.09 8.39
N THR A 698 6.93 0.09 7.94
CA THR A 698 5.60 0.58 8.27
C THR A 698 4.57 0.68 7.13
N ALA A 699 3.32 0.38 7.49
CA ALA A 699 2.18 0.44 6.58
C ALA A 699 1.38 1.70 6.97
N MET A 700 0.84 2.41 5.99
CA MET A 700 0.11 3.65 6.23
C MET A 700 -1.13 3.69 5.33
N THR A 701 -2.27 4.11 5.87
CA THR A 701 -3.51 4.19 5.09
C THR A 701 -3.86 5.63 4.73
N GLY A 702 -4.54 5.81 3.60
CA GLY A 702 -4.91 7.15 3.20
C GLY A 702 -5.90 7.06 2.07
N ASP A 703 -6.46 8.19 1.66
CA ASP A 703 -7.42 8.22 0.57
C ASP A 703 -7.35 9.55 -0.18
N GLY A 704 -7.08 10.64 0.54
CA GLY A 704 -7.01 11.93 -0.11
C GLY A 704 -5.71 12.14 -0.84
N VAL A 705 -5.65 13.21 -1.63
CA VAL A 705 -4.45 13.57 -2.38
C VAL A 705 -3.49 14.13 -1.34
N ASN A 706 -4.02 14.55 -0.19
CA ASN A 706 -3.16 15.06 0.87
C ASN A 706 -2.46 13.91 1.60
N ASP A 707 -2.94 12.68 1.42
CA ASP A 707 -2.36 11.50 2.04
C ASP A 707 -1.27 10.92 1.13
N ALA A 708 -1.22 11.38 -0.12
CA ALA A 708 -0.26 10.90 -1.11
C ALA A 708 1.21 10.95 -0.66
N PRO A 709 1.72 12.12 -0.25
CA PRO A 709 3.12 12.16 0.18
C PRO A 709 3.44 11.20 1.32
N ALA A 710 2.50 10.97 2.23
CA ALA A 710 2.76 10.03 3.33
C ALA A 710 2.71 8.56 2.90
N LEU A 711 1.81 8.23 1.97
CA LEU A 711 1.67 6.85 1.48
C LEU A 711 2.90 6.52 0.67
N LYS A 712 3.46 7.53 0.01
CA LYS A 712 4.65 7.30 -0.78
C LYS A 712 5.84 7.11 0.16
N LYS A 713 5.86 7.85 1.27
CA LYS A 713 6.99 7.73 2.18
C LYS A 713 7.03 6.43 3.02
N ALA A 714 5.87 5.91 3.40
CA ALA A 714 5.80 4.67 4.17
C ALA A 714 6.28 3.56 3.23
N GLU A 715 6.85 2.51 3.81
CA GLU A 715 7.33 1.37 3.04
C GLU A 715 6.19 0.80 2.16
N ILE A 716 5.00 0.67 2.73
CA ILE A 716 3.80 0.17 2.02
C ILE A 716 2.59 1.04 2.31
N GLY A 717 2.21 1.87 1.34
CA GLY A 717 1.05 2.73 1.49
C GLY A 717 -0.18 1.94 1.04
N ILE A 718 -1.21 1.92 1.89
CA ILE A 718 -2.46 1.20 1.62
C ILE A 718 -3.58 2.21 1.37
N ALA A 719 -3.93 2.38 0.11
CA ALA A 719 -4.97 3.30 -0.26
C ALA A 719 -6.33 2.62 -0.13
N MET A 720 -7.36 3.42 0.08
CA MET A 720 -8.72 2.90 0.19
C MET A 720 -9.30 2.71 -1.20
N GLY A 721 -9.97 1.58 -1.40
CA GLY A 721 -10.57 1.30 -2.69
C GLY A 721 -11.68 2.28 -2.99
N SER A 722 -12.08 3.06 -1.99
CA SER A 722 -13.14 4.05 -2.19
C SER A 722 -12.55 5.46 -2.19
N GLY A 723 -11.25 5.57 -1.88
CA GLY A 723 -10.57 6.86 -1.84
C GLY A 723 -10.19 7.34 -3.22
N THR A 724 -9.55 8.51 -3.33
CA THR A 724 -9.15 9.09 -4.62
C THR A 724 -8.27 8.15 -5.42
N ALA A 725 -8.11 8.48 -6.71
CA ALA A 725 -7.29 7.67 -7.60
C ALA A 725 -5.84 8.11 -7.54
N VAL A 726 -5.58 9.30 -7.00
CA VAL A 726 -4.20 9.74 -6.88
C VAL A 726 -3.58 8.94 -5.74
N ALA A 727 -4.33 8.74 -4.66
CA ALA A 727 -3.85 7.95 -3.52
C ALA A 727 -3.53 6.52 -3.97
N LYS A 728 -4.44 5.93 -4.72
CA LYS A 728 -4.24 4.58 -5.21
C LYS A 728 -2.98 4.44 -6.01
N THR A 729 -2.68 5.41 -6.83
CA THR A 729 -1.48 5.28 -7.63
C THR A 729 -0.19 5.55 -6.85
N ALA A 730 -0.27 6.07 -5.64
CA ALA A 730 0.94 6.33 -4.85
C ALA A 730 1.12 5.21 -3.84
N SER A 731 0.19 4.27 -3.87
CA SER A 731 0.18 3.14 -2.95
C SER A 731 0.57 1.79 -3.55
N GLU A 732 1.16 0.93 -2.74
CA GLU A 732 1.57 -0.40 -3.17
C GLU A 732 0.37 -1.30 -3.31
N MET A 733 -0.57 -1.13 -2.39
CA MET A 733 -1.75 -1.94 -2.37
C MET A 733 -3.01 -1.10 -2.08
N VAL A 734 -4.17 -1.63 -2.45
CA VAL A 734 -5.45 -0.94 -2.25
C VAL A 734 -6.50 -1.84 -1.60
N LEU A 735 -7.04 -1.43 -0.44
CA LEU A 735 -8.07 -2.24 0.20
C LEU A 735 -9.40 -2.04 -0.49
N ALA A 736 -9.81 -3.02 -1.27
CA ALA A 736 -11.07 -2.95 -1.99
C ALA A 736 -12.23 -2.67 -1.05
N ASP A 737 -12.19 -3.20 0.16
CA ASP A 737 -13.30 -3.00 1.07
C ASP A 737 -13.01 -2.10 2.24
N ASP A 738 -11.99 -1.27 2.10
CA ASP A 738 -11.57 -0.36 3.15
C ASP A 738 -11.52 -1.04 4.52
N ASN A 739 -11.56 -2.38 4.57
CA ASN A 739 -11.53 -3.08 5.87
C ASN A 739 -10.12 -3.38 6.42
N PHE A 740 -9.86 -2.90 7.64
CA PHE A 740 -8.57 -3.14 8.28
C PHE A 740 -8.23 -4.62 8.37
N SER A 741 -9.23 -5.47 8.54
CA SER A 741 -8.95 -6.88 8.67
C SER A 741 -8.40 -7.39 7.35
N THR A 742 -8.57 -6.62 6.27
CA THR A 742 -8.04 -7.02 4.96
C THR A 742 -6.54 -6.83 4.92
N ILE A 743 -6.03 -5.83 5.62
CA ILE A 743 -4.59 -5.60 5.63
C ILE A 743 -3.96 -6.84 6.27
N VAL A 744 -4.38 -7.17 7.48
CA VAL A 744 -3.84 -8.33 8.19
C VAL A 744 -3.94 -9.64 7.41
N ALA A 745 -4.94 -9.76 6.54
CA ALA A 745 -5.11 -10.96 5.71
C ALA A 745 -4.07 -10.92 4.61
N ALA A 746 -3.55 -9.72 4.37
CA ALA A 746 -2.55 -9.50 3.34
C ALA A 746 -1.15 -9.58 3.93
N VAL A 747 -1.02 -9.33 5.23
CA VAL A 747 0.29 -9.43 5.84
C VAL A 747 0.53 -10.91 6.06
N GLU A 748 -0.53 -11.71 6.01
CA GLU A 748 -0.32 -13.13 6.21
C GLU A 748 0.12 -13.84 4.93
N GLU A 749 -0.51 -13.51 3.80
CA GLU A 749 -0.14 -14.10 2.52
C GLU A 749 1.29 -13.72 2.18
N GLY A 750 1.66 -12.49 2.57
CA GLY A 750 3.01 -12.01 2.29
C GLY A 750 4.06 -12.84 2.99
N ARG A 751 3.73 -13.35 4.17
CA ARG A 751 4.64 -14.16 4.92
C ARG A 751 4.70 -15.55 4.36
N ALA A 752 3.56 -15.99 3.85
CA ALA A 752 3.39 -17.30 3.22
C ALA A 752 4.14 -17.34 1.90
N ILE A 753 3.91 -16.32 1.07
CA ILE A 753 4.55 -16.19 -0.23
C ILE A 753 6.05 -16.22 -0.06
N TYR A 754 6.57 -15.34 0.80
CA TYR A 754 8.00 -15.24 1.02
C TYR A 754 8.65 -16.48 1.60
N ASN A 755 7.93 -17.25 2.39
CA ASN A 755 8.52 -18.47 2.93
C ASN A 755 8.78 -19.50 1.80
N ASN A 756 7.79 -19.69 0.94
CA ASN A 756 7.85 -20.59 -0.21
C ASN A 756 8.88 -20.09 -1.21
N MET A 757 8.72 -18.82 -1.56
CA MET A 757 9.59 -18.12 -2.47
C MET A 757 11.01 -18.17 -1.96
N LYS A 758 11.17 -18.38 -0.66
CA LYS A 758 12.48 -18.47 -0.07
C LYS A 758 13.07 -19.84 -0.39
N GLN A 759 12.22 -20.86 -0.42
CA GLN A 759 12.70 -22.20 -0.71
C GLN A 759 13.14 -22.38 -2.15
N PHE A 760 12.22 -22.14 -3.09
CA PHE A 760 12.59 -22.32 -4.48
C PHE A 760 13.75 -21.45 -4.90
N ILE A 761 14.08 -20.41 -4.13
CA ILE A 761 15.23 -19.59 -4.51
C ILE A 761 16.50 -20.30 -4.10
N ARG A 762 16.49 -20.87 -2.90
CA ARG A 762 17.63 -21.60 -2.37
C ARG A 762 17.84 -22.81 -3.26
N TYR A 763 16.75 -23.42 -3.68
CA TYR A 763 16.83 -24.58 -4.54
C TYR A 763 17.59 -24.19 -5.79
N LEU A 764 16.98 -23.37 -6.64
CA LEU A 764 17.62 -22.95 -7.89
C LEU A 764 19.03 -22.43 -7.70
N ILE A 765 19.27 -21.67 -6.65
CA ILE A 765 20.61 -21.17 -6.42
C ILE A 765 21.59 -22.33 -6.19
N SER A 766 21.18 -23.35 -5.43
CA SER A 766 22.06 -24.49 -5.15
C SER A 766 22.41 -25.33 -6.37
N SER A 767 21.48 -25.47 -7.29
CA SER A 767 21.79 -26.26 -8.46
C SER A 767 22.78 -25.50 -9.33
N ASN A 768 22.79 -24.18 -9.24
CA ASN A 768 23.71 -23.38 -10.03
C ASN A 768 25.09 -23.61 -9.42
N VAL A 769 25.15 -23.71 -8.10
CA VAL A 769 26.43 -23.95 -7.43
C VAL A 769 27.03 -25.24 -7.90
N GLY A 770 26.20 -26.26 -8.06
CA GLY A 770 26.70 -27.54 -8.51
C GLY A 770 27.25 -27.49 -9.93
N GLU A 771 26.55 -26.81 -10.82
CA GLU A 771 26.98 -26.71 -12.20
C GLU A 771 28.28 -25.96 -12.29
N VAL A 772 28.56 -25.10 -11.33
CA VAL A 772 29.82 -24.38 -11.34
C VAL A 772 30.95 -25.30 -10.89
N VAL A 773 30.69 -26.12 -9.88
CA VAL A 773 31.70 -27.06 -9.39
C VAL A 773 32.10 -27.93 -10.57
N CYS A 774 31.11 -28.45 -11.29
CA CYS A 774 31.35 -29.28 -12.46
C CYS A 774 32.30 -28.59 -13.43
N ILE A 775 31.85 -27.49 -14.00
CA ILE A 775 32.64 -26.73 -14.97
C ILE A 775 34.04 -26.43 -14.46
N PHE A 776 34.19 -26.35 -13.13
CA PHE A 776 35.48 -26.06 -12.53
C PHE A 776 36.34 -27.30 -12.39
N LEU A 777 35.71 -28.48 -12.35
CA LEU A 777 36.51 -29.69 -12.27
C LEU A 777 36.91 -30.01 -13.70
N THR A 778 35.94 -29.94 -14.59
CA THR A 778 36.19 -30.21 -15.99
C THR A 778 37.43 -29.45 -16.50
N ALA A 779 37.57 -28.18 -16.14
CA ALA A 779 38.72 -27.38 -16.60
C ALA A 779 40.00 -27.52 -15.77
N ALA A 780 39.86 -27.64 -14.46
CA ALA A 780 41.03 -27.78 -13.61
C ALA A 780 41.82 -29.01 -14.02
N LEU A 781 41.10 -30.05 -14.42
CA LEU A 781 41.71 -31.31 -14.83
C LEU A 781 42.18 -31.32 -16.27
N GLY A 782 41.33 -30.80 -17.15
CA GLY A 782 41.66 -30.77 -18.57
C GLY A 782 40.68 -31.66 -19.30
N LEU A 783 39.87 -32.38 -18.54
CA LEU A 783 38.84 -33.28 -19.05
C LEU A 783 38.02 -32.63 -20.15
N PRO A 784 37.31 -33.44 -20.95
CA PRO A 784 36.46 -32.94 -22.04
C PRO A 784 35.11 -32.40 -21.52
N GLU A 785 34.62 -31.33 -22.11
CA GLU A 785 33.37 -30.72 -21.70
C GLU A 785 32.31 -31.74 -21.33
N ALA A 786 31.98 -31.82 -20.05
CA ALA A 786 30.95 -32.75 -19.63
C ALA A 786 29.57 -32.15 -19.97
N LEU A 787 29.38 -30.88 -19.59
CA LEU A 787 28.13 -30.14 -19.80
C LEU A 787 28.24 -28.97 -20.76
N ILE A 788 27.30 -28.83 -21.68
CA ILE A 788 27.32 -27.72 -22.63
C ILE A 788 26.34 -26.60 -22.24
N PRO A 789 26.66 -25.33 -22.57
CA PRO A 789 25.80 -24.19 -22.23
C PRO A 789 24.33 -24.38 -22.60
N VAL A 790 24.11 -24.85 -23.83
CA VAL A 790 22.77 -25.08 -24.33
C VAL A 790 22.01 -26.03 -23.39
N GLN A 791 22.66 -27.10 -22.95
CA GLN A 791 22.02 -28.03 -22.03
C GLN A 791 21.71 -27.36 -20.70
N LEU A 792 22.69 -26.67 -20.13
CA LEU A 792 22.51 -25.97 -18.85
C LEU A 792 21.32 -25.02 -18.87
N LEU A 793 21.13 -24.29 -19.97
CA LEU A 793 19.99 -23.38 -20.07
C LEU A 793 18.71 -24.17 -19.95
N TRP A 794 18.54 -25.17 -20.82
CA TRP A 794 17.34 -26.02 -20.79
C TRP A 794 17.02 -26.37 -19.35
N VAL A 795 18.04 -26.82 -18.64
CA VAL A 795 17.85 -27.20 -17.26
C VAL A 795 17.43 -26.03 -16.37
N ASN A 796 18.21 -24.95 -16.35
CA ASN A 796 17.88 -23.76 -15.53
C ASN A 796 16.57 -23.08 -15.89
N LEU A 797 16.16 -23.19 -17.14
CA LEU A 797 14.91 -22.57 -17.52
C LEU A 797 13.76 -23.53 -17.35
N VAL A 798 13.81 -24.67 -18.05
CA VAL A 798 12.71 -25.61 -17.99
C VAL A 798 12.73 -26.75 -16.96
N THR A 799 13.64 -27.70 -17.08
CA THR A 799 13.61 -28.82 -16.13
C THR A 799 13.74 -28.46 -14.63
N ASP A 800 14.26 -27.28 -14.32
CA ASP A 800 14.41 -26.84 -12.93
C ASP A 800 13.34 -25.82 -12.58
N GLY A 801 12.88 -25.09 -13.60
CA GLY A 801 11.85 -24.10 -13.37
C GLY A 801 10.58 -24.75 -12.90
N LEU A 802 10.25 -25.92 -13.46
CA LEU A 802 9.04 -26.63 -13.07
C LEU A 802 9.07 -27.06 -11.59
N PRO A 803 10.13 -27.76 -11.15
CA PRO A 803 10.11 -28.14 -9.73
C PRO A 803 10.24 -26.89 -8.86
N ALA A 804 10.75 -25.81 -9.45
CA ALA A 804 10.94 -24.55 -8.74
C ALA A 804 9.63 -23.82 -8.53
N THR A 805 8.81 -23.70 -9.56
CA THR A 805 7.56 -22.98 -9.36
C THR A 805 6.57 -23.78 -8.51
N ALA A 806 6.72 -25.10 -8.46
CA ALA A 806 5.84 -25.95 -7.67
C ALA A 806 6.16 -25.82 -6.18
N LEU A 807 7.42 -25.57 -5.86
CA LEU A 807 7.80 -25.39 -4.46
C LEU A 807 7.07 -24.16 -3.90
N GLY A 808 6.65 -23.28 -4.80
CA GLY A 808 5.93 -22.10 -4.38
C GLY A 808 4.56 -22.46 -3.84
N PHE A 809 4.11 -23.69 -4.12
CA PHE A 809 2.80 -24.15 -3.64
C PHE A 809 2.96 -24.98 -2.38
N ASN A 810 4.01 -24.75 -1.61
CA ASN A 810 4.19 -25.51 -0.39
C ASN A 810 3.13 -25.14 0.63
N PRO A 811 2.86 -26.05 1.57
CA PRO A 811 1.87 -25.85 2.64
C PRO A 811 2.41 -24.77 3.55
N PRO A 812 1.62 -23.71 3.82
CA PRO A 812 2.11 -22.64 4.68
C PRO A 812 2.27 -23.16 6.11
N ASP A 813 3.31 -22.75 6.82
CA ASP A 813 3.49 -23.20 8.21
C ASP A 813 2.24 -22.79 8.96
N LEU A 814 1.96 -23.51 10.04
CA LEU A 814 0.77 -23.20 10.80
C LEU A 814 1.03 -22.13 11.86
N ASP A 815 2.28 -21.77 12.08
CA ASP A 815 2.58 -20.75 13.09
C ASP A 815 3.08 -19.44 12.48
N ILE A 816 2.86 -19.27 11.18
CA ILE A 816 3.27 -18.07 10.46
C ILE A 816 2.94 -16.80 11.21
N MET A 817 1.73 -16.74 11.77
CA MET A 817 1.27 -15.56 12.49
C MET A 817 1.42 -15.65 13.99
N ASP A 818 2.48 -16.32 14.44
CA ASP A 818 2.77 -16.46 15.86
C ASP A 818 4.22 -16.04 16.08
N ARG A 819 4.93 -15.86 14.96
CA ARG A 819 6.32 -15.45 14.97
C ARG A 819 6.37 -13.95 14.70
N PRO A 820 7.41 -13.24 15.20
CA PRO A 820 7.56 -11.81 15.00
C PRO A 820 7.76 -11.51 13.52
N PRO A 821 7.81 -10.23 13.13
CA PRO A 821 7.99 -9.96 11.71
C PRO A 821 9.42 -10.33 11.32
N ARG A 822 9.60 -10.81 10.10
CA ARG A 822 10.93 -11.19 9.64
C ARG A 822 11.82 -9.96 9.58
N SER A 823 13.13 -10.14 9.74
CA SER A 823 14.02 -8.99 9.62
C SER A 823 14.42 -8.90 8.14
N PRO A 824 14.52 -7.68 7.59
CA PRO A 824 14.90 -7.48 6.18
C PRO A 824 16.39 -7.71 5.94
N LYS A 825 17.16 -7.83 7.02
CA LYS A 825 18.60 -8.06 6.96
C LYS A 825 18.95 -9.53 7.09
N GLU A 826 17.91 -10.37 7.11
CA GLU A 826 18.10 -11.79 7.21
C GLU A 826 18.53 -12.23 5.84
N PRO A 827 19.72 -12.87 5.73
CA PRO A 827 20.21 -13.32 4.42
C PRO A 827 19.51 -14.63 4.11
N LEU A 828 19.46 -14.99 2.83
CA LEU A 828 18.81 -16.23 2.42
C LEU A 828 19.63 -17.49 2.71
N ILE A 829 20.94 -17.39 2.58
CA ILE A 829 21.79 -18.55 2.83
C ILE A 829 23.04 -18.14 3.62
N SER A 830 23.21 -18.73 4.80
CA SER A 830 24.36 -18.44 5.63
C SER A 830 24.51 -19.55 6.68
N GLY A 831 25.59 -19.47 7.46
CA GLY A 831 25.82 -20.45 8.51
C GLY A 831 25.73 -21.88 7.99
N TRP A 832 25.13 -22.75 8.77
CA TRP A 832 25.00 -24.14 8.39
C TRP A 832 24.43 -24.34 7.00
N LEU A 833 23.41 -23.58 6.64
CA LEU A 833 22.79 -23.73 5.33
C LEU A 833 23.79 -23.49 4.22
N PHE A 834 24.67 -22.53 4.42
CA PHE A 834 25.67 -22.23 3.41
C PHE A 834 26.55 -23.46 3.24
N PHE A 835 26.74 -24.18 4.34
CA PHE A 835 27.58 -25.36 4.32
C PHE A 835 26.97 -26.59 3.64
N ARG A 836 25.64 -26.73 3.67
CA ARG A 836 25.00 -27.87 3.03
C ARG A 836 25.02 -27.75 1.51
N TYR A 837 24.77 -26.55 1.00
CA TYR A 837 24.78 -26.30 -0.44
C TYR A 837 26.23 -26.28 -0.91
N MET A 838 27.11 -25.98 0.02
CA MET A 838 28.53 -25.98 -0.23
C MET A 838 28.88 -27.46 -0.46
N ALA A 839 28.26 -28.36 0.31
CA ALA A 839 28.50 -29.79 0.18
C ALA A 839 27.65 -30.46 -0.90
N ILE A 840 26.37 -30.13 -0.96
CA ILE A 840 25.50 -30.72 -1.99
C ILE A 840 26.05 -30.34 -3.37
N GLY A 841 26.49 -29.08 -3.53
CA GLY A 841 27.00 -28.64 -4.81
C GLY A 841 28.27 -29.41 -5.16
N GLY A 842 29.18 -29.46 -4.19
CA GLY A 842 30.43 -30.16 -4.39
C GLY A 842 30.17 -31.60 -4.79
N TYR A 843 28.99 -32.09 -4.43
CA TYR A 843 28.62 -33.47 -4.74
C TYR A 843 28.16 -33.63 -6.17
N VAL A 844 27.24 -32.78 -6.61
CA VAL A 844 26.74 -32.85 -7.96
C VAL A 844 27.85 -32.50 -8.93
N GLY A 845 28.73 -31.58 -8.54
CA GLY A 845 29.84 -31.21 -9.42
C GLY A 845 30.65 -32.45 -9.71
N ALA A 846 30.81 -33.30 -8.70
CA ALA A 846 31.56 -34.53 -8.85
C ALA A 846 30.76 -35.57 -9.62
N ALA A 847 29.49 -35.70 -9.31
CA ALA A 847 28.63 -36.68 -9.96
C ALA A 847 28.53 -36.52 -11.46
N THR A 848 28.45 -35.27 -11.92
CA THR A 848 28.33 -34.96 -13.35
C THR A 848 29.62 -35.20 -14.11
N VAL A 849 30.70 -34.61 -13.61
CA VAL A 849 32.01 -34.79 -14.22
C VAL A 849 32.28 -36.30 -14.21
N GLY A 850 32.21 -36.90 -13.03
CA GLY A 850 32.45 -38.33 -12.90
C GLY A 850 31.64 -39.25 -13.79
N ALA A 851 30.32 -39.08 -13.80
CA ALA A 851 29.49 -39.94 -14.63
C ALA A 851 29.87 -39.86 -16.10
N ALA A 852 30.47 -38.75 -16.51
CA ALA A 852 30.88 -38.58 -17.90
C ALA A 852 32.21 -39.29 -18.11
N ALA A 853 33.18 -39.04 -17.22
CA ALA A 853 34.52 -39.64 -17.28
C ALA A 853 34.43 -41.15 -17.10
N TRP A 854 33.27 -41.59 -16.61
CA TRP A 854 33.01 -43.00 -16.39
C TRP A 854 32.77 -43.70 -17.72
N TRP A 855 31.84 -43.15 -18.49
CA TRP A 855 31.51 -43.73 -19.78
C TRP A 855 32.75 -43.71 -20.64
N PHE A 856 33.75 -42.95 -20.22
CA PHE A 856 35.01 -42.88 -20.95
C PHE A 856 35.88 -44.06 -20.54
N MET A 857 36.11 -44.17 -19.24
CA MET A 857 36.97 -45.23 -18.70
C MET A 857 36.29 -46.57 -18.43
N TYR A 858 35.90 -46.78 -17.16
CA TYR A 858 35.27 -48.01 -16.73
C TYR A 858 33.90 -48.18 -17.36
N ALA A 859 33.83 -47.98 -18.66
CA ALA A 859 32.58 -48.05 -19.38
C ALA A 859 32.35 -49.30 -20.20
N GLU A 860 31.30 -50.01 -19.83
CA GLU A 860 30.88 -51.22 -20.50
C GLU A 860 30.89 -51.11 -22.03
N ASP A 861 30.79 -49.90 -22.53
CA ASP A 861 30.77 -49.73 -23.97
C ASP A 861 31.29 -48.36 -24.39
N GLY A 862 32.61 -48.22 -24.36
CA GLY A 862 33.21 -46.96 -24.74
C GLY A 862 34.69 -47.00 -24.51
N PRO A 863 35.45 -46.23 -25.29
CA PRO A 863 36.91 -46.14 -25.22
C PRO A 863 37.60 -46.86 -24.05
N GLY A 864 37.96 -46.15 -22.99
CA GLY A 864 38.61 -46.81 -21.88
C GLY A 864 39.90 -46.11 -21.55
N VAL A 865 40.11 -45.83 -20.27
CA VAL A 865 41.31 -45.12 -19.81
C VAL A 865 41.51 -45.36 -18.31
N THR A 866 41.54 -46.62 -17.90
CA THR A 866 41.71 -46.98 -16.49
C THR A 866 42.32 -45.89 -15.60
N TYR A 867 43.58 -45.54 -15.81
CA TYR A 867 44.18 -44.50 -14.97
C TYR A 867 45.00 -43.50 -15.78
N HIS A 868 45.23 -43.80 -17.05
CA HIS A 868 46.00 -42.91 -17.88
C HIS A 868 45.30 -41.61 -18.28
N GLN A 869 46.01 -40.84 -19.08
CA GLN A 869 45.59 -39.53 -19.51
C GLN A 869 44.55 -39.45 -20.62
N LEU A 870 43.28 -39.51 -20.23
CA LEU A 870 42.23 -39.36 -21.24
C LEU A 870 42.07 -37.84 -21.32
N THR A 871 42.69 -37.17 -20.34
CA THR A 871 42.68 -35.72 -20.18
C THR A 871 43.46 -34.96 -21.24
N HIS A 872 44.42 -35.62 -21.86
CA HIS A 872 45.20 -34.95 -22.88
C HIS A 872 44.56 -35.08 -24.25
N PHE A 873 43.24 -35.22 -24.28
CA PHE A 873 42.51 -35.35 -25.54
C PHE A 873 42.84 -34.21 -26.49
N MET A 874 43.37 -33.12 -25.96
CA MET A 874 43.73 -32.00 -26.79
C MET A 874 44.83 -32.38 -27.79
N GLN A 875 45.81 -33.13 -27.29
CA GLN A 875 46.95 -33.57 -28.08
C GLN A 875 46.93 -35.06 -28.35
N CYS A 876 46.31 -35.45 -29.46
CA CYS A 876 46.27 -36.86 -29.81
C CYS A 876 46.42 -37.14 -31.27
N THR A 877 45.54 -36.53 -32.07
CA THR A 877 45.57 -36.70 -33.50
C THR A 877 47.01 -36.78 -34.05
N GLU A 878 47.93 -36.04 -33.43
CA GLU A 878 49.35 -35.99 -33.84
C GLU A 878 50.24 -36.80 -32.89
N ASP A 879 49.67 -37.23 -31.78
CA ASP A 879 50.36 -38.03 -30.75
C ASP A 879 49.77 -39.43 -30.63
N HIS A 880 49.05 -39.85 -31.67
CA HIS A 880 48.42 -41.16 -31.67
C HIS A 880 49.44 -42.23 -31.22
N PRO A 881 50.71 -42.17 -31.68
CA PRO A 881 51.70 -43.18 -31.25
C PRO A 881 51.84 -43.27 -29.74
N HIS A 882 51.87 -42.12 -29.10
CA HIS A 882 52.00 -42.07 -27.66
C HIS A 882 50.66 -42.27 -26.98
N PHE A 883 50.52 -43.35 -26.22
CA PHE A 883 49.26 -43.64 -25.53
C PHE A 883 48.07 -42.99 -26.25
N GLU A 884 47.68 -43.49 -27.41
CA GLU A 884 46.51 -42.98 -28.12
C GLU A 884 46.16 -44.01 -29.22
N GLY A 885 45.86 -45.26 -28.87
CA GLY A 885 45.50 -46.22 -29.91
C GLY A 885 43.99 -46.25 -30.17
N LEU A 886 43.50 -45.36 -31.04
CA LEU A 886 42.07 -45.28 -31.40
C LEU A 886 41.76 -44.03 -32.26
N ASP A 887 40.51 -43.59 -32.25
CA ASP A 887 40.11 -42.44 -33.06
C ASP A 887 40.06 -41.15 -32.25
N CYS A 888 40.79 -40.10 -32.63
CA CYS A 888 40.76 -38.86 -31.84
C CYS A 888 39.52 -38.02 -32.03
N GLU A 889 38.36 -38.62 -31.93
CA GLU A 889 37.12 -37.89 -32.12
C GLU A 889 36.06 -38.35 -31.14
N ILE A 890 36.40 -39.37 -30.36
CA ILE A 890 35.51 -39.96 -29.34
C ILE A 890 35.28 -38.93 -28.24
N PHE A 891 36.21 -38.00 -28.15
CA PHE A 891 36.15 -36.97 -27.15
C PHE A 891 35.06 -35.96 -27.41
N GLU A 892 34.26 -36.19 -28.45
CA GLU A 892 33.15 -35.30 -28.76
C GLU A 892 31.88 -36.15 -28.77
N ALA A 893 32.00 -37.32 -28.15
CA ALA A 893 30.89 -38.26 -28.04
C ALA A 893 29.73 -37.69 -27.23
N PRO A 894 28.49 -38.06 -27.60
CA PRO A 894 27.27 -37.59 -26.94
C PRO A 894 26.96 -38.37 -25.66
N GLU A 895 27.29 -39.66 -25.67
CA GLU A 895 27.04 -40.52 -24.53
C GLU A 895 27.55 -39.97 -23.20
N PRO A 896 28.82 -39.47 -23.15
CA PRO A 896 29.39 -38.94 -21.91
C PRO A 896 28.59 -37.74 -21.41
N MET A 897 28.19 -36.90 -22.36
CA MET A 897 27.42 -35.72 -22.05
C MET A 897 26.02 -36.03 -21.52
N THR A 898 25.29 -36.90 -22.20
CA THR A 898 23.94 -37.23 -21.74
C THR A 898 24.05 -38.04 -20.45
N MET A 899 25.26 -38.52 -20.18
CA MET A 899 25.48 -39.28 -18.96
C MET A 899 25.47 -38.27 -17.83
N ALA A 900 26.26 -37.22 -18.00
CA ALA A 900 26.36 -36.16 -17.02
C ALA A 900 25.13 -35.27 -16.99
N LEU A 901 24.36 -35.21 -18.08
CA LEU A 901 23.19 -34.36 -18.04
C LEU A 901 22.06 -35.12 -17.37
N SER A 902 22.10 -36.44 -17.43
CA SER A 902 21.05 -37.20 -16.80
C SER A 902 21.28 -37.29 -15.30
N VAL A 903 22.54 -37.20 -14.87
CA VAL A 903 22.90 -37.24 -13.44
C VAL A 903 22.57 -35.88 -12.81
N LEU A 904 22.52 -34.84 -13.62
CA LEU A 904 22.19 -33.50 -13.11
C LEU A 904 20.67 -33.41 -12.98
N VAL A 905 19.97 -33.67 -14.09
CA VAL A 905 18.51 -33.63 -14.11
C VAL A 905 17.89 -34.47 -13.00
N THR A 906 18.47 -35.62 -12.71
CA THR A 906 17.89 -36.43 -11.66
C THR A 906 18.36 -36.01 -10.30
N ILE A 907 19.60 -35.54 -10.19
CA ILE A 907 20.08 -35.06 -8.89
C ILE A 907 19.29 -33.78 -8.55
N GLU A 908 18.56 -33.27 -9.54
CA GLU A 908 17.76 -32.06 -9.36
C GLU A 908 16.34 -32.31 -8.87
N MET A 909 15.80 -33.48 -9.17
CA MET A 909 14.46 -33.83 -8.74
C MET A 909 14.59 -34.29 -7.30
N CYS A 910 15.78 -34.79 -6.98
CA CYS A 910 16.10 -35.25 -5.65
C CYS A 910 16.17 -34.04 -4.75
N ASN A 911 16.98 -33.07 -5.18
CA ASN A 911 17.18 -31.85 -4.44
C ASN A 911 15.92 -31.01 -4.34
N ALA A 912 14.95 -31.28 -5.22
CA ALA A 912 13.71 -30.54 -5.20
C ALA A 912 12.83 -31.11 -4.09
N LEU A 913 13.11 -32.34 -3.67
CA LEU A 913 12.35 -32.99 -2.59
C LEU A 913 12.96 -32.66 -1.24
N ASN A 914 14.28 -32.45 -1.24
CA ASN A 914 15.03 -32.10 -0.03
C ASN A 914 14.67 -30.65 0.32
N SER A 915 14.06 -29.96 -0.65
CA SER A 915 13.66 -28.56 -0.52
C SER A 915 12.22 -28.32 -0.05
N LEU A 916 11.50 -29.38 0.29
CA LEU A 916 10.13 -29.23 0.79
C LEU A 916 10.15 -28.65 2.18
N SER A 917 11.30 -28.72 2.82
CA SER A 917 11.46 -28.19 4.16
C SER A 917 12.94 -27.93 4.41
N GLU A 918 13.25 -26.90 5.20
CA GLU A 918 14.65 -26.59 5.46
C GLU A 918 15.35 -27.59 6.36
N ASN A 919 14.69 -28.02 7.43
CA ASN A 919 15.32 -28.98 8.33
C ASN A 919 14.48 -30.24 8.62
N GLN A 920 13.29 -30.33 8.05
CA GLN A 920 12.48 -31.50 8.31
C GLN A 920 12.81 -32.65 7.40
N SER A 921 13.00 -33.81 8.02
CA SER A 921 13.32 -35.01 7.28
C SER A 921 12.19 -35.28 6.32
N LEU A 922 12.45 -36.11 5.33
CA LEU A 922 11.45 -36.46 4.33
C LEU A 922 10.49 -37.50 4.91
N MET A 923 10.96 -38.22 5.91
CA MET A 923 10.11 -39.20 6.52
C MET A 923 9.05 -38.42 7.30
N ARG A 924 9.50 -37.38 8.02
CA ARG A 924 8.58 -36.57 8.79
C ARG A 924 7.75 -35.66 7.90
N MET A 925 8.32 -35.20 6.78
CA MET A 925 7.56 -34.37 5.84
C MET A 925 7.71 -34.94 4.44
N PRO A 926 6.81 -35.85 4.07
CA PRO A 926 6.78 -36.53 2.76
C PRO A 926 6.54 -35.63 1.54
N PRO A 927 7.05 -36.05 0.37
CA PRO A 927 6.88 -35.29 -0.87
C PRO A 927 5.43 -35.16 -1.29
N TRP A 928 4.62 -36.18 -1.01
CA TRP A 928 3.21 -36.13 -1.38
C TRP A 928 2.46 -35.03 -0.64
N VAL A 929 3.17 -34.37 0.27
CA VAL A 929 2.59 -33.26 1.00
C VAL A 929 2.20 -32.17 0.00
N ASN A 930 3.01 -32.06 -1.04
CA ASN A 930 2.81 -31.10 -2.11
C ASN A 930 2.65 -31.92 -3.38
N ILE A 931 1.43 -32.04 -3.86
CA ILE A 931 1.24 -32.82 -5.05
C ILE A 931 1.85 -32.16 -6.28
N TRP A 932 1.64 -30.86 -6.42
CA TRP A 932 2.19 -30.14 -7.57
C TRP A 932 3.66 -30.42 -7.80
N LEU A 933 4.39 -30.66 -6.71
CA LEU A 933 5.80 -30.95 -6.79
C LEU A 933 6.03 -32.28 -7.49
N LEU A 934 5.43 -33.36 -6.98
CA LEU A 934 5.63 -34.66 -7.61
C LEU A 934 5.21 -34.59 -9.10
N GLY A 935 4.04 -34.00 -9.36
CA GLY A 935 3.54 -33.89 -10.72
C GLY A 935 4.46 -33.12 -11.66
N SER A 936 5.19 -32.15 -11.13
CA SER A 936 6.11 -31.37 -11.97
C SER A 936 7.38 -32.18 -12.24
N ILE A 937 7.78 -32.99 -11.26
CA ILE A 937 8.96 -33.82 -11.41
C ILE A 937 8.76 -34.78 -12.58
N CYS A 938 7.53 -35.22 -12.79
CA CYS A 938 7.26 -36.12 -13.90
C CYS A 938 7.36 -35.35 -15.21
N LEU A 939 6.72 -34.19 -15.24
CA LEU A 939 6.77 -33.38 -16.44
C LEU A 939 8.21 -33.04 -16.80
N SER A 940 9.05 -32.86 -15.79
CA SER A 940 10.45 -32.54 -16.02
C SER A 940 11.17 -33.72 -16.64
N MET A 941 10.99 -34.92 -16.07
CA MET A 941 11.62 -36.15 -16.56
C MET A 941 11.21 -36.47 -17.97
N SER A 942 9.91 -36.41 -18.23
CA SER A 942 9.41 -36.69 -19.57
C SER A 942 9.98 -35.61 -20.49
N LEU A 943 9.98 -34.35 -20.02
CA LEU A 943 10.53 -33.26 -20.82
C LEU A 943 12.00 -33.51 -21.14
N HIS A 944 12.65 -34.30 -20.28
CA HIS A 944 14.05 -34.68 -20.44
C HIS A 944 14.18 -35.76 -21.51
N PHE A 945 13.21 -36.68 -21.53
CA PHE A 945 13.19 -37.78 -22.49
C PHE A 945 12.92 -37.23 -23.87
N LEU A 946 12.16 -36.16 -23.93
CA LEU A 946 11.83 -35.47 -25.17
C LEU A 946 13.13 -35.09 -25.89
N ILE A 947 13.99 -34.32 -25.24
CA ILE A 947 15.24 -33.90 -25.88
C ILE A 947 16.29 -35.01 -25.98
N LEU A 948 15.87 -36.27 -25.89
CA LEU A 948 16.81 -37.39 -26.01
C LEU A 948 16.38 -38.27 -27.15
N TYR A 949 15.07 -38.52 -27.23
CA TYR A 949 14.51 -39.39 -28.25
C TYR A 949 13.92 -38.70 -29.45
N VAL A 950 13.65 -37.40 -29.38
CA VAL A 950 13.08 -36.75 -30.55
C VAL A 950 14.09 -36.70 -31.68
N ASP A 951 13.94 -35.79 -32.63
CA ASP A 951 14.87 -35.74 -33.77
C ASP A 951 15.74 -34.50 -33.85
N PRO A 952 15.12 -33.31 -33.93
CA PRO A 952 15.98 -32.13 -34.01
C PRO A 952 16.57 -31.81 -32.65
N LEU A 953 15.94 -32.33 -31.59
CA LEU A 953 16.37 -32.07 -30.23
C LEU A 953 17.69 -32.76 -29.87
N PRO A 954 17.74 -34.09 -29.95
CA PRO A 954 18.97 -34.81 -29.62
C PRO A 954 20.19 -34.29 -30.39
N MET A 955 19.94 -33.71 -31.55
CA MET A 955 20.99 -33.18 -32.39
C MET A 955 21.50 -31.82 -31.92
N ILE A 956 20.57 -30.93 -31.57
CA ILE A 956 20.97 -29.60 -31.14
C ILE A 956 21.47 -29.48 -29.69
N PHE A 957 21.22 -30.49 -28.88
CA PHE A 957 21.70 -30.50 -27.50
C PHE A 957 22.90 -31.42 -27.42
N LYS A 958 23.18 -32.13 -28.51
CA LYS A 958 24.29 -33.09 -28.57
C LYS A 958 24.11 -34.19 -27.52
N LEU A 959 22.94 -34.83 -27.56
CA LEU A 959 22.58 -35.88 -26.62
C LEU A 959 22.05 -37.08 -27.36
N LYS A 960 22.55 -38.26 -27.01
CA LYS A 960 22.08 -39.49 -27.63
C LYS A 960 21.55 -40.38 -26.50
N ALA A 961 20.28 -40.75 -26.58
CA ALA A 961 19.66 -41.59 -25.56
C ALA A 961 20.67 -42.61 -25.05
N LEU A 962 20.51 -43.03 -23.80
CA LEU A 962 21.40 -44.02 -23.22
C LEU A 962 20.60 -45.25 -22.82
N ASP A 963 21.21 -46.43 -22.95
CA ASP A 963 20.52 -47.68 -22.63
C ASP A 963 20.11 -47.82 -21.17
N LEU A 964 19.39 -48.90 -20.88
CA LEU A 964 18.86 -49.18 -19.54
C LEU A 964 19.88 -49.43 -18.44
N THR A 965 21.10 -49.76 -18.82
CA THR A 965 22.14 -50.00 -17.84
C THR A 965 22.82 -48.67 -17.53
N GLN A 966 22.99 -47.84 -18.55
CA GLN A 966 23.59 -46.53 -18.35
C GLN A 966 22.64 -45.69 -17.51
N TRP A 967 21.34 -46.02 -17.53
CA TRP A 967 20.37 -45.25 -16.75
C TRP A 967 20.45 -45.62 -15.30
N LEU A 968 20.81 -46.88 -15.04
CA LEU A 968 20.93 -47.36 -13.68
C LEU A 968 22.21 -46.80 -13.07
N MET A 969 23.15 -46.38 -13.91
CA MET A 969 24.40 -45.80 -13.44
C MET A 969 24.04 -44.39 -12.94
N VAL A 970 23.17 -43.72 -13.71
CA VAL A 970 22.70 -42.37 -13.37
C VAL A 970 22.03 -42.37 -12.00
N LEU A 971 21.21 -43.38 -11.75
CA LEU A 971 20.50 -43.49 -10.48
C LEU A 971 21.43 -43.79 -9.33
N LYS A 972 22.40 -44.67 -9.56
CA LYS A 972 23.34 -45.01 -8.50
C LYS A 972 24.26 -43.85 -8.10
N ILE A 973 24.41 -42.89 -8.99
CA ILE A 973 25.23 -41.71 -8.74
C ILE A 973 24.37 -40.65 -8.06
N SER A 974 23.25 -40.36 -8.70
CA SER A 974 22.31 -39.35 -8.22
C SER A 974 21.64 -39.62 -6.85
N LEU A 975 20.63 -40.49 -6.83
CA LEU A 975 19.87 -40.83 -5.63
C LEU A 975 20.55 -40.69 -4.28
N PRO A 976 21.81 -41.14 -4.14
CA PRO A 976 22.45 -40.99 -2.83
C PRO A 976 22.42 -39.53 -2.31
N VAL A 977 22.03 -38.60 -3.16
CA VAL A 977 21.92 -37.18 -2.81
C VAL A 977 20.92 -37.01 -1.68
N ILE A 978 19.78 -37.67 -1.82
CA ILE A 978 18.74 -37.58 -0.82
C ILE A 978 19.25 -38.01 0.56
N GLY A 979 20.35 -38.77 0.57
CA GLY A 979 20.92 -39.23 1.82
C GLY A 979 21.90 -38.23 2.44
N LEU A 980 22.79 -37.71 1.60
CA LEU A 980 23.77 -36.73 2.03
C LEU A 980 23.08 -35.54 2.68
N ASP A 981 21.88 -35.20 2.18
CA ASP A 981 21.15 -34.06 2.73
C ASP A 981 20.31 -34.46 3.93
N GLU A 982 19.72 -35.65 3.89
CA GLU A 982 18.95 -36.09 5.04
C GLU A 982 19.88 -36.08 6.25
N ILE A 983 21.13 -36.51 6.04
CA ILE A 983 22.14 -36.54 7.09
C ILE A 983 22.50 -35.12 7.56
N LEU A 984 22.58 -34.18 6.62
CA LEU A 984 22.89 -32.80 6.95
C LEU A 984 21.75 -32.14 7.69
N LYS A 985 20.52 -32.58 7.43
CA LYS A 985 19.35 -32.02 8.10
C LYS A 985 19.33 -32.51 9.54
N PHE A 986 19.65 -33.79 9.71
CA PHE A 986 19.69 -34.40 11.02
C PHE A 986 20.66 -33.65 11.91
N ILE A 987 21.77 -33.23 11.32
CA ILE A 987 22.75 -32.48 12.07
C ILE A 987 22.06 -31.24 12.60
N ALA A 988 21.69 -30.32 11.71
CA ALA A 988 21.02 -29.07 12.07
C ALA A 988 19.96 -29.21 13.18
N ARG A 989 19.03 -30.15 13.02
CA ARG A 989 17.98 -30.41 13.99
C ARG A 989 18.61 -30.83 15.31
N ASN A 990 19.12 -32.04 15.37
CA ASN A 990 19.74 -32.49 16.59
C ASN A 990 20.92 -31.63 17.05
N TYR A 991 22.12 -32.19 17.01
CA TYR A 991 23.34 -31.47 17.41
C TYR A 991 23.53 -30.13 16.72
N LEU A 992 23.27 -29.04 17.43
CA LEU A 992 23.43 -27.69 16.86
C LEU A 992 22.56 -26.75 17.69
N GLU A 993 22.49 -25.48 17.28
CA GLU A 993 21.69 -24.48 17.98
C GLU A 993 20.20 -24.64 17.72
N GLY A 994 19.65 -25.79 18.13
CA GLY A 994 18.22 -26.03 17.96
C GLY A 994 17.86 -26.31 16.51
NA NA B . 5.36 3.88 -0.58
MG MG C . -7.86 11.87 4.03
C1 OTK D . 27.53 -17.87 -1.99
C2 OTK D . 28.58 -18.38 -2.98
C3 OTK D . 28.25 -17.72 -4.32
O3 OTK D . 27.63 -18.62 -5.24
C4 OTK D . 27.26 -16.61 -4.01
O4 OTK D . 29.65 -18.58 -6.22
C5 OTK D . 27.37 -16.42 -2.50
O5 OTK D . 26.55 -14.18 -1.89
C6 OTK D . 26.23 -15.58 -1.91
O6 OTK D . 27.00 -16.44 0.24
C7 OTK D . 25.85 -15.95 -0.48
O7 OTK D . 23.94 -16.88 -1.73
C8 OTK D . 24.78 -17.05 -0.58
O8 OTK D . 22.50 -15.82 -0.36
C9 OTK D . 25.43 -18.44 -0.62
O9 OTK D . 26.86 -20.07 -1.63
C10 OTK D . 26.30 -18.77 -1.85
O10 OTK D . 24.80 -20.97 -1.57
C11 OTK D . 25.40 -14.63 0.15
O11 OTK D . 24.01 -14.65 0.50
C12 OTK D . 25.67 -13.64 -1.00
O12 OTK D . 25.10 -12.57 -1.14
C21 OTK D . 28.50 -18.99 -6.24
C22 OTK D . 28.04 -19.92 -7.36
C23 OTK D . 29.08 -20.75 -8.08
C24 OTK D . 26.68 -20.00 -7.77
C25 OTK D . 25.58 -19.20 -7.12
C26 OTK D . 27.63 -15.32 -4.76
C27 OTK D . 22.79 -16.17 -1.50
C28 OTK D . 21.87 -15.87 -2.68
C29 OTK D . 20.59 -15.15 -2.24
C30 OTK D . 19.68 -14.83 -3.44
C31 OTK D . 25.45 -18.81 -3.13
C32 OTK D . 26.01 -21.13 -1.48
C33 OTK D . 26.59 -22.51 -1.17
C34 OTK D . 26.22 -14.26 1.39
C1 PTY E . 11.74 -12.34 -17.43
C2 PTY E . 13.15 -6.65 -16.12
C3 PTY E . 12.70 -8.08 -15.81
O4 PTY E . 11.92 -13.68 -17.92
C5 PTY E . 10.54 -11.66 -15.34
C6 PTY E . 10.39 -12.32 -16.71
O7 PTY E . 9.97 -13.68 -16.52
C8 PTY E . 8.62 -13.82 -16.73
O10 PTY E . 7.96 -12.84 -17.03
C11 PTY E . 7.97 -15.20 -16.59
C12 PTY E . 6.73 -15.30 -17.49
C30 PTY E . 13.12 -13.77 -18.72
C31 PTY E . 12.73 -14.12 -20.15
O30 PTY E . 13.92 -14.83 -18.20
C32 PTY E . 12.90 -15.62 -20.43
C33 PTY E . 11.96 -16.52 -19.63
C34 PTY E . 12.25 -17.99 -19.96
C35 PTY E . 11.35 -18.94 -19.18
P1 PTY E . 11.21 -9.43 -14.10
O11 PTY E . 11.96 -8.09 -14.59
O12 PTY E . 12.21 -10.21 -13.12
O13 PTY E . 9.90 -9.16 -13.45
O14 PTY E . 11.06 -10.33 -15.43
N1 PTY E . 13.98 -6.15 -15.02
#